data_9HN8
#
_entry.id   9HN8
#
_cell.length_a   67.180
_cell.length_b   126.772
_cell.length_c   80.553
_cell.angle_alpha   90.000
_cell.angle_beta   107.700
_cell.angle_gamma   90.000
#
_symmetry.space_group_name_H-M   'P 1 21 1'
#
loop_
_entity.id
_entity.type
_entity.pdbx_description
1 polymer '1-deoxy-D-xylulose-5-phosphate synthase'
2 water water
#
_entity_poly.entity_id   1
_entity_poly.type   'polypeptide(L)'
_entity_poly.pdbx_seq_one_letter_code
;GAMGMLQQIRGPADLQHLSQAQLRELAAEIREFLIHKVAATGGHLGPNLGVVELTLALHRVFDSPHDPIIFDTGHQAYVH
KMLTGRSQDFATLRKKGGLSGYPSRAESEHDWVESSHASAALSYADGLAKAFELTGHRNRHVVAVVGDGALTGGMCWEAL
NNIAASRRPVIIVVNDNGRSYAPTIGGVADHLAGGGGGGGPQLLFTDLGLKYVGPVDGHDERAVEVALRSARRFGAPVIV
HVVTRKGMGYPPAEADQAEQMHSTVPIDPATGQATKVAGVGWTATFSDALIGYAQKRRDIVAITAAMPGPTGLTAFGQRF
PDRLFDVGIAEQHAMTSAAGLAMGGLHPVVAIYSTFLNRAFDQIMMDVALHKLPVTMVLDRAGITGSDGASHNGMWDLSM
LGIVPGIRVAAPRDATRLREELGEALDVDDGPTALRFPKGDVGEDISALERRGGVDVLAAPADGLNHDVLLVAIGAFAPM
ALAVAKRLHNQGIGVTVIDPRWVLPVSDGVRELAVQHKLLVTLEDNGVNGGAGSAVSAALRRAEIDVPCRDVGLPQEFVE
HASRSEVLADLGLTDQDVARRITGWVAALGTGVCASDAIPEHLD
;
_entity_poly.pdbx_strand_id   A,B
#
# COMPACT_ATOMS: atom_id res chain seq x y z
N GLY A 4 49.11 -1.16 -3.74
CA GLY A 4 48.59 -1.51 -5.08
C GLY A 4 47.96 -0.31 -5.74
N MET A 5 47.27 -0.51 -6.87
CA MET A 5 46.67 0.62 -7.63
C MET A 5 45.36 1.05 -6.98
N LEU A 6 44.71 0.15 -6.23
CA LEU A 6 43.47 0.53 -5.55
C LEU A 6 43.74 1.66 -4.59
N GLN A 7 44.74 1.49 -3.73
CA GLN A 7 45.12 2.53 -2.80
C GLN A 7 45.35 3.82 -3.54
N GLN A 8 45.64 3.73 -4.82
CA GLN A 8 45.94 4.91 -5.57
C GLN A 8 44.75 5.41 -6.35
N ILE A 9 43.61 4.78 -6.20
CA ILE A 9 42.41 5.33 -6.83
C ILE A 9 41.84 6.41 -5.92
N ARG A 10 42.04 7.67 -6.31
CA ARG A 10 41.46 8.79 -5.59
C ARG A 10 40.04 9.10 -6.03
N GLY A 11 39.65 8.69 -7.23
CA GLY A 11 38.34 8.96 -7.77
C GLY A 11 38.23 8.42 -9.19
N PRO A 12 37.01 8.45 -9.75
CA PRO A 12 36.80 7.85 -11.08
C PRO A 12 37.76 8.35 -12.15
N ALA A 13 38.26 9.58 -12.02
CA ALA A 13 39.14 10.13 -13.05
C ALA A 13 40.49 9.43 -13.06
N ASP A 14 40.92 8.89 -11.92
CA ASP A 14 42.17 8.15 -11.87
C ASP A 14 42.11 6.83 -12.65
N LEU A 15 40.93 6.38 -13.06
CA LEU A 15 40.80 5.14 -13.84
C LEU A 15 41.02 5.34 -15.33
N GLN A 16 40.97 6.55 -15.83
CA GLN A 16 41.00 6.79 -17.27
C GLN A 16 42.22 6.41 -18.06
N HIS A 17 43.38 6.53 -17.49
CA HIS A 17 44.60 6.29 -18.24
C HIS A 17 45.22 4.92 -17.95
N LEU A 18 44.44 3.99 -17.46
CA LEU A 18 44.98 2.71 -17.11
C LEU A 18 45.07 1.80 -18.30
N SER A 19 46.01 0.88 -18.28
CA SER A 19 46.14 -0.10 -19.33
C SER A 19 45.14 -1.17 -19.15
N GLN A 20 44.97 -1.99 -20.16
CA GLN A 20 44.06 -3.12 -19.98
C GLN A 20 44.61 -4.12 -18.98
N ALA A 21 45.93 -4.28 -18.93
CA ALA A 21 46.52 -5.16 -17.92
C ALA A 21 46.34 -4.58 -16.52
N GLN A 22 46.55 -3.27 -16.38
CA GLN A 22 46.33 -2.63 -15.07
C GLN A 22 44.88 -2.77 -14.64
N LEU A 23 43.93 -2.74 -15.54
CA LEU A 23 42.57 -2.93 -15.14
C LEU A 23 42.30 -4.34 -14.71
N ARG A 24 43.02 -5.28 -15.28
CA ARG A 24 42.86 -6.66 -14.82
C ARG A 24 43.35 -6.84 -13.39
N GLU A 25 44.46 -6.17 -13.02
CA GLU A 25 44.97 -6.29 -11.66
C GLU A 25 44.08 -5.51 -10.69
N LEU A 26 43.58 -4.36 -11.12
CA LEU A 26 42.64 -3.60 -10.29
C LEU A 26 41.39 -4.42 -9.98
N ALA A 27 40.88 -5.15 -10.96
CA ALA A 27 39.70 -5.98 -10.72
C ALA A 27 40.00 -7.06 -9.70
N ALA A 28 41.14 -7.74 -9.87
CA ALA A 28 41.52 -8.80 -8.94
C ALA A 28 41.82 -8.23 -7.56
N GLU A 29 42.27 -6.98 -7.49
CA GLU A 29 42.49 -6.34 -6.21
C GLU A 29 41.18 -6.01 -5.52
N ILE A 30 40.20 -5.52 -6.28
CA ILE A 30 38.88 -5.25 -5.72
C ILE A 30 38.22 -6.54 -5.24
N ARG A 31 38.38 -7.62 -5.97
CA ARG A 31 37.82 -8.88 -5.54
C ARG A 31 38.46 -9.35 -4.24
N GLU A 32 39.75 -9.18 -4.11
CA GLU A 32 40.39 -9.52 -2.84
C GLU A 32 39.91 -8.61 -1.72
N PHE A 33 39.58 -7.35 -2.04
CA PHE A 33 39.01 -6.46 -1.03
C PHE A 33 37.60 -6.91 -0.64
N LEU A 34 36.78 -7.29 -1.63
CA LEU A 34 35.41 -7.70 -1.36
C LEU A 34 35.36 -8.95 -0.51
N ILE A 35 36.21 -9.94 -0.82
CA ILE A 35 36.31 -11.16 0.00
C ILE A 35 36.70 -10.79 1.43
N HIS A 36 37.63 -9.84 1.56
CA HIS A 36 38.28 -9.56 2.84
C HIS A 36 37.39 -8.79 3.81
N LYS A 37 36.31 -8.17 3.32
CA LYS A 37 35.52 -7.26 4.14
C LYS A 37 34.05 -7.65 4.23
N VAL A 38 33.72 -8.93 4.00
CA VAL A 38 32.35 -9.40 4.20
C VAL A 38 32.34 -10.44 5.32
N HIS A 44 27.23 -10.29 -0.18
CA HIS A 44 26.95 -11.20 -1.33
C HIS A 44 27.98 -10.96 -2.44
N LEU A 45 29.07 -11.70 -2.42
CA LEU A 45 30.17 -11.59 -3.39
C LEU A 45 29.79 -11.88 -4.85
N GLY A 46 28.75 -12.64 -5.17
CA GLY A 46 28.49 -12.85 -6.62
C GLY A 46 28.09 -11.55 -7.27
N PRO A 47 27.04 -10.91 -6.73
CA PRO A 47 26.65 -9.61 -7.23
C PRO A 47 27.90 -8.83 -7.18
N ASN A 48 28.50 -8.74 -6.00
CA ASN A 48 29.70 -7.88 -5.83
C ASN A 48 30.73 -8.20 -6.92
N LEU A 49 31.12 -9.46 -7.10
CA LEU A 49 32.20 -9.81 -8.07
C LEU A 49 31.79 -9.42 -9.49
N GLY A 50 30.54 -9.59 -9.86
CA GLY A 50 30.12 -9.14 -11.19
C GLY A 50 30.19 -7.63 -11.36
N VAL A 51 29.55 -6.88 -10.48
CA VAL A 51 29.51 -5.39 -10.53
C VAL A 51 30.97 -4.88 -10.53
N VAL A 52 31.90 -5.62 -9.91
CA VAL A 52 33.33 -5.21 -9.93
C VAL A 52 33.71 -4.83 -11.36
N GLU A 53 33.57 -5.78 -12.29
CA GLU A 53 33.97 -5.51 -13.71
C GLU A 53 33.02 -4.46 -14.30
N LEU A 54 31.70 -4.67 -14.20
CA LEU A 54 30.79 -3.70 -14.87
C LEU A 54 31.01 -2.25 -14.38
N THR A 55 31.47 -2.04 -13.16
CA THR A 55 31.62 -0.73 -12.52
C THR A 55 32.91 -0.15 -12.96
N LEU A 56 33.93 -0.99 -13.00
CA LEU A 56 35.19 -0.46 -13.57
C LEU A 56 34.80 0.08 -14.94
N ALA A 57 33.88 -0.59 -15.62
CA ALA A 57 33.58 -0.04 -16.97
C ALA A 57 32.73 1.23 -16.95
N LEU A 58 31.68 1.27 -16.15
CA LEU A 58 30.74 2.43 -16.19
C LEU A 58 31.36 3.69 -15.60
N HIS A 59 32.58 3.61 -15.09
CA HIS A 59 33.26 4.82 -14.55
C HIS A 59 34.31 5.29 -15.54
N ARG A 60 34.46 4.57 -16.64
CA ARG A 60 35.43 4.95 -17.68
C ARG A 60 34.64 5.52 -18.85
N VAL A 61 33.31 5.53 -18.74
CA VAL A 61 32.43 6.05 -19.83
C VAL A 61 31.67 7.26 -19.29
N PHE A 62 31.18 7.18 -18.05
CA PHE A 62 30.33 8.28 -17.51
C PHE A 62 31.08 9.06 -16.43
N ASP A 63 30.77 10.35 -16.28
CA ASP A 63 31.41 11.19 -15.28
C ASP A 63 30.45 11.34 -14.11
N SER A 64 30.57 10.44 -13.13
CA SER A 64 29.75 10.53 -11.93
C SER A 64 30.26 11.66 -11.05
N PRO A 65 29.36 12.43 -10.40
CA PRO A 65 27.91 12.37 -10.30
C PRO A 65 27.19 13.16 -11.37
N HIS A 66 27.93 13.90 -12.22
CA HIS A 66 27.29 14.66 -13.29
C HIS A 66 26.44 13.76 -14.18
N ASP A 67 26.92 12.54 -14.44
CA ASP A 67 26.09 11.51 -15.03
C ASP A 67 25.57 10.62 -13.90
N PRO A 68 24.32 10.80 -13.46
CA PRO A 68 23.82 10.04 -12.30
C PRO A 68 23.75 8.55 -12.61
N ILE A 69 24.43 7.76 -11.80
CA ILE A 69 24.37 6.30 -11.85
C ILE A 69 23.51 5.83 -10.69
N ILE A 70 22.37 5.22 -11.00
CA ILE A 70 21.38 4.84 -9.99
C ILE A 70 21.36 3.32 -9.91
N PHE A 71 22.01 2.76 -8.90
CA PHE A 71 21.96 1.34 -8.65
C PHE A 71 20.65 0.97 -7.96
N ASP A 72 20.20 -0.26 -8.20
CA ASP A 72 18.93 -0.71 -7.64
C ASP A 72 19.10 -1.60 -6.42
N THR A 73 19.90 -2.68 -6.49
CA THR A 73 20.07 -3.56 -5.33
C THR A 73 20.59 -2.85 -4.10
N GLY A 74 21.26 -1.70 -4.25
CA GLY A 74 21.93 -1.08 -3.12
C GLY A 74 23.18 -1.85 -2.73
N HIS A 75 23.28 -3.07 -3.24
CA HIS A 75 24.38 -4.00 -3.05
C HIS A 75 25.39 -3.88 -4.16
N GLN A 76 24.92 -3.82 -5.40
CA GLN A 76 25.79 -3.62 -6.54
C GLN A 76 26.54 -2.29 -6.48
N ALA A 77 26.09 -1.35 -5.64
CA ALA A 77 26.74 -0.05 -5.55
C ALA A 77 28.01 -0.07 -4.70
N TYR A 78 28.45 -1.25 -4.24
CA TYR A 78 29.56 -1.29 -3.30
C TYR A 78 30.88 -0.97 -4.01
N VAL A 79 31.14 -1.63 -5.14
CA VAL A 79 32.34 -1.33 -5.90
C VAL A 79 32.30 0.12 -6.37
N HIS A 80 31.11 0.58 -6.78
CA HIS A 80 30.96 2.00 -7.11
C HIS A 80 31.25 2.87 -5.90
N LYS A 81 30.98 2.37 -4.70
CA LYS A 81 31.25 3.17 -3.49
C LYS A 81 32.77 3.24 -3.25
N MET A 82 33.47 2.15 -3.47
CA MET A 82 34.93 2.12 -3.23
C MET A 82 35.62 3.10 -4.17
N LEU A 83 35.05 3.32 -5.35
CA LEU A 83 35.73 4.17 -6.35
C LEU A 83 35.28 5.63 -6.23
N THR A 84 34.13 5.87 -5.58
CA THR A 84 33.60 7.24 -5.44
C THR A 84 33.55 7.62 -3.98
N GLY A 85 32.99 6.81 -3.10
CA GLY A 85 32.88 7.23 -1.70
C GLY A 85 31.43 7.41 -1.32
N ARG A 86 30.54 7.08 -2.24
CA ARG A 86 29.10 7.31 -2.01
C ARG A 86 28.29 6.24 -2.73
N SER A 87 27.06 6.01 -2.28
CA SER A 87 26.16 5.04 -2.94
C SER A 87 25.41 5.74 -4.07
N GLN A 88 25.18 7.03 -3.90
CA GLN A 88 24.35 7.76 -4.88
C GLN A 88 25.09 9.01 -5.37
N GLU A 114 18.27 5.46 1.65
CA GLU A 114 18.96 4.56 0.69
C GLU A 114 17.96 3.51 0.18
N SER A 115 17.46 2.67 1.09
CA SER A 115 16.53 1.57 0.70
C SER A 115 15.30 2.11 -0.02
N SER A 116 14.66 1.24 -0.78
CA SER A 116 13.44 1.65 -1.51
C SER A 116 12.68 0.41 -1.94
N HIS A 117 11.50 0.59 -2.55
CA HIS A 117 10.73 -0.55 -3.10
C HIS A 117 11.55 -1.18 -4.23
N ALA A 118 11.47 -2.51 -4.39
CA ALA A 118 12.26 -3.20 -5.44
C ALA A 118 11.90 -2.65 -6.82
N SER A 119 12.85 -2.68 -7.76
CA SER A 119 12.61 -2.20 -9.14
C SER A 119 12.06 -0.76 -9.12
N ALA A 120 12.83 0.18 -8.54
CA ALA A 120 12.39 1.60 -8.53
C ALA A 120 13.51 2.47 -9.09
N ALA A 121 14.74 1.95 -9.17
CA ALA A 121 15.83 2.73 -9.76
C ALA A 121 15.40 3.22 -11.13
N LEU A 122 14.66 2.40 -11.83
CA LEU A 122 14.25 2.79 -13.17
C LEU A 122 13.31 3.96 -13.08
N SER A 123 12.37 3.90 -12.13
CA SER A 123 11.42 4.98 -11.97
C SER A 123 12.09 6.25 -11.43
N TYR A 124 13.11 6.12 -10.59
CA TYR A 124 13.95 7.26 -10.27
C TYR A 124 14.59 7.82 -11.54
N ALA A 125 15.13 6.93 -12.38
CA ALA A 125 15.81 7.36 -13.60
C ALA A 125 14.87 8.15 -14.49
N ASP A 126 13.70 7.58 -14.80
CA ASP A 126 12.71 8.26 -15.63
C ASP A 126 12.41 9.65 -15.11
N GLY A 127 12.11 9.77 -13.81
CA GLY A 127 11.82 11.08 -13.25
C GLY A 127 13.00 12.02 -13.24
N LEU A 128 14.21 11.48 -13.08
CA LEU A 128 15.41 12.33 -13.10
C LEU A 128 15.67 12.89 -14.50
N ALA A 129 15.49 12.07 -15.53
CA ALA A 129 15.69 12.54 -16.90
C ALA A 129 14.67 13.63 -17.26
N LYS A 130 13.41 13.46 -16.85
CA LYS A 130 12.41 14.50 -17.08
C LYS A 130 12.79 15.79 -16.35
N ALA A 131 13.31 15.68 -15.13
CA ALA A 131 13.72 16.86 -14.40
C ALA A 131 14.87 17.57 -15.10
N PHE A 132 15.82 16.81 -15.65
CA PHE A 132 16.95 17.42 -16.33
C PHE A 132 16.51 18.21 -17.56
N GLU A 133 15.59 17.65 -18.35
CA GLU A 133 15.07 18.34 -19.52
C GLU A 133 14.44 19.68 -19.15
N LEU A 134 13.61 19.70 -18.10
CA LEU A 134 12.87 20.92 -17.76
C LEU A 134 13.76 22.00 -17.13
N THR A 135 14.94 21.64 -16.65
CA THR A 135 15.87 22.62 -16.09
C THR A 135 17.04 22.92 -17.03
N GLY A 136 16.96 22.40 -18.26
CA GLY A 136 18.06 22.59 -19.22
C GLY A 136 19.32 21.87 -18.79
N HIS A 137 19.23 20.58 -18.43
CA HIS A 137 20.45 19.81 -18.10
C HIS A 137 20.37 18.46 -18.81
N ARG A 138 19.82 18.43 -20.03
CA ARG A 138 19.69 17.17 -20.81
C ARG A 138 21.08 16.62 -21.10
N ASN A 139 22.11 17.46 -21.02
CA ASN A 139 23.51 17.02 -21.22
C ASN A 139 23.83 15.87 -20.27
N ARG A 140 23.09 15.76 -19.16
CA ARG A 140 23.46 14.73 -18.16
C ARG A 140 22.83 13.38 -18.54
N HIS A 141 23.63 12.30 -18.51
CA HIS A 141 23.14 10.97 -18.86
C HIS A 141 22.81 10.22 -17.58
N VAL A 142 21.56 9.83 -17.43
CA VAL A 142 21.14 9.02 -16.30
C VAL A 142 21.25 7.56 -16.68
N VAL A 143 21.92 6.77 -15.84
CA VAL A 143 22.13 5.35 -16.07
C VAL A 143 21.58 4.59 -14.86
N ALA A 144 20.77 3.57 -15.12
CA ALA A 144 20.20 2.71 -14.08
C ALA A 144 20.82 1.33 -14.19
N VAL A 145 21.51 0.90 -13.14
CA VAL A 145 22.15 -0.40 -13.10
C VAL A 145 21.28 -1.32 -12.24
N VAL A 146 20.59 -2.26 -12.89
CA VAL A 146 19.69 -3.17 -12.21
C VAL A 146 20.14 -4.60 -12.45
N GLY A 147 19.75 -5.49 -11.53
CA GLY A 147 19.99 -6.91 -11.68
C GLY A 147 18.83 -7.61 -12.36
N ASP A 148 19.05 -8.90 -12.65
CA ASP A 148 18.03 -9.68 -13.34
C ASP A 148 16.76 -9.79 -12.51
N GLY A 149 16.90 -9.94 -11.19
CA GLY A 149 15.75 -10.05 -10.31
C GLY A 149 14.86 -8.82 -10.30
N ALA A 150 15.44 -7.65 -10.61
CA ALA A 150 14.68 -6.39 -10.60
C ALA A 150 13.86 -6.25 -11.89
N LEU A 151 14.19 -7.05 -12.90
CA LEU A 151 13.42 -7.03 -14.17
C LEU A 151 11.98 -7.47 -13.90
N THR A 152 11.78 -8.32 -12.89
CA THR A 152 10.42 -8.77 -12.52
C THR A 152 9.78 -7.73 -11.63
N GLY A 153 8.44 -7.78 -11.55
CA GLY A 153 7.69 -6.77 -10.79
C GLY A 153 6.90 -5.88 -11.72
N GLY A 154 5.71 -5.45 -11.31
CA GLY A 154 4.90 -4.57 -12.16
C GLY A 154 5.49 -3.21 -12.27
N MET A 155 6.18 -2.78 -11.25
CA MET A 155 6.67 -1.39 -11.32
C MET A 155 7.72 -1.37 -12.43
N CYS A 156 8.52 -2.44 -12.46
CA CYS A 156 9.47 -2.50 -13.56
C CYS A 156 8.77 -2.44 -14.91
N TRP A 157 7.66 -3.16 -15.06
CA TRP A 157 6.87 -3.07 -16.27
C TRP A 157 6.30 -1.67 -16.48
N GLU A 158 5.89 -1.00 -15.40
CA GLU A 158 5.35 0.34 -15.53
C GLU A 158 6.44 1.32 -15.96
N ALA A 159 7.64 1.19 -15.40
CA ALA A 159 8.70 2.14 -15.71
C ALA A 159 9.24 1.95 -17.12
N LEU A 160 9.41 0.69 -17.54
CA LEU A 160 9.88 0.43 -18.91
C LEU A 160 8.86 0.90 -19.94
N ASN A 161 7.57 0.87 -19.61
CA ASN A 161 6.55 1.30 -20.56
C ASN A 161 6.56 2.82 -20.72
N ASN A 162 6.81 3.55 -19.64
CA ASN A 162 6.85 5.01 -19.70
C ASN A 162 8.16 5.52 -20.31
N ILE A 163 9.26 4.80 -20.09
CA ILE A 163 10.53 5.19 -20.70
C ILE A 163 10.48 4.99 -22.20
N ALA A 164 9.94 3.85 -22.65
CA ALA A 164 9.79 3.59 -24.07
C ALA A 164 8.85 4.58 -24.75
N ALA A 165 8.02 5.21 -23.99
CA ALA A 165 7.10 6.12 -24.59
C ALA A 165 7.73 7.47 -24.84
N SER A 166 9.02 7.60 -24.53
CA SER A 166 9.73 8.89 -24.73
C SER A 166 11.11 8.64 -25.36
N ARG A 167 11.58 9.71 -26.01
CA ARG A 167 12.92 9.72 -26.62
C ARG A 167 13.77 10.48 -25.62
N ARG A 168 13.55 10.22 -24.35
CA ARG A 168 14.38 10.87 -23.33
C ARG A 168 15.58 9.95 -23.15
N PRO A 169 16.78 10.50 -22.93
CA PRO A 169 17.95 9.66 -22.83
C PRO A 169 18.04 8.89 -21.51
N VAL A 170 17.70 7.60 -21.54
CA VAL A 170 17.87 6.77 -20.32
C VAL A 170 18.63 5.49 -20.66
N ILE A 171 19.69 5.19 -19.92
CA ILE A 171 20.50 3.97 -20.18
C ILE A 171 20.26 2.94 -19.06
N ILE A 172 19.55 1.86 -19.37
CA ILE A 172 19.29 0.80 -18.41
C ILE A 172 20.35 -0.29 -18.61
N VAL A 173 21.17 -0.49 -17.60
CA VAL A 173 22.15 -1.58 -17.58
C VAL A 173 21.54 -2.75 -16.81
N VAL A 174 21.48 -3.92 -17.45
CA VAL A 174 20.94 -5.14 -16.80
C VAL A 174 22.07 -6.14 -16.55
N ASN A 175 22.29 -6.49 -15.29
CA ASN A 175 23.32 -7.50 -14.93
C ASN A 175 22.63 -8.84 -14.78
N ASP A 176 22.81 -9.75 -15.75
CA ASP A 176 22.18 -11.08 -15.70
C ASP A 176 23.12 -12.07 -15.02
N ASN A 177 22.56 -13.05 -14.34
CA ASN A 177 23.36 -14.06 -13.61
C ASN A 177 22.57 -15.37 -13.63
N GLN A 202 16.03 -9.68 -24.91
CA GLN A 202 16.20 -8.78 -26.04
C GLN A 202 14.90 -8.66 -26.81
N LEU A 203 14.35 -9.82 -27.17
CA LEU A 203 13.04 -9.87 -27.80
C LEU A 203 12.02 -9.07 -27.01
N LEU A 204 11.98 -9.30 -25.69
CA LEU A 204 11.13 -8.50 -24.81
C LEU A 204 11.43 -7.01 -24.99
N PHE A 205 12.67 -6.61 -24.76
CA PHE A 205 13.02 -5.19 -24.81
C PHE A 205 12.81 -4.61 -26.21
N THR A 206 13.14 -5.38 -27.25
CA THR A 206 13.04 -4.85 -28.61
C THR A 206 11.57 -4.59 -28.99
N ASP A 207 10.71 -5.52 -28.59
CA ASP A 207 9.27 -5.34 -28.87
C ASP A 207 8.77 -4.27 -27.92
N LEU A 208 9.40 -4.14 -26.75
CA LEU A 208 8.96 -3.13 -25.75
C LEU A 208 9.17 -1.72 -26.31
N GLY A 209 9.85 -1.60 -27.45
CA GLY A 209 10.04 -0.27 -28.07
C GLY A 209 11.31 0.38 -27.58
N LEU A 210 12.32 -0.44 -27.27
CA LEU A 210 13.59 0.09 -26.75
C LEU A 210 14.73 -0.50 -27.57
N LYS A 211 15.86 0.19 -27.63
CA LYS A 211 17.04 -0.40 -28.31
C LYS A 211 17.71 -1.40 -27.37
N TYR A 212 18.21 -2.49 -27.92
CA TYR A 212 18.86 -3.52 -27.12
C TYR A 212 20.30 -3.65 -27.57
N VAL A 213 21.23 -3.61 -26.61
CA VAL A 213 22.65 -3.81 -26.88
C VAL A 213 23.11 -4.99 -26.04
N GLY A 214 23.55 -6.04 -26.72
CA GLY A 214 24.03 -7.23 -26.04
C GLY A 214 23.78 -8.49 -26.83
N PRO A 215 24.01 -9.66 -26.20
CA PRO A 215 24.55 -9.86 -24.85
C PRO A 215 26.01 -9.48 -24.76
N VAL A 216 26.47 -8.98 -23.63
CA VAL A 216 27.87 -8.57 -23.44
C VAL A 216 28.44 -9.35 -22.27
N ASP A 217 29.62 -9.92 -22.46
CA ASP A 217 30.30 -10.66 -21.40
C ASP A 217 30.69 -9.70 -20.29
N GLY A 218 30.14 -9.91 -19.09
CA GLY A 218 30.34 -9.01 -17.97
C GLY A 218 31.74 -9.02 -17.40
N HIS A 219 32.59 -9.96 -17.81
CA HIS A 219 33.95 -10.03 -17.32
C HIS A 219 34.96 -9.52 -18.34
N ASP A 220 34.51 -9.17 -19.53
CA ASP A 220 35.33 -8.46 -20.52
C ASP A 220 35.04 -6.97 -20.35
N GLU A 221 35.92 -6.28 -19.64
CA GLU A 221 35.71 -4.86 -19.36
C GLU A 221 35.65 -4.04 -20.64
N ARG A 222 36.49 -4.37 -21.62
CA ARG A 222 36.48 -3.62 -22.88
C ARG A 222 35.17 -3.81 -23.63
N ALA A 223 34.53 -4.97 -23.47
CA ALA A 223 33.27 -5.21 -24.18
C ALA A 223 32.13 -4.40 -23.57
N VAL A 224 32.09 -4.32 -22.24
CA VAL A 224 31.09 -3.46 -21.58
C VAL A 224 31.32 -2.00 -21.94
N GLU A 225 32.57 -1.56 -21.87
CA GLU A 225 32.89 -0.17 -22.20
C GLU A 225 32.43 0.21 -23.61
N VAL A 226 32.65 -0.68 -24.58
CA VAL A 226 32.24 -0.42 -25.95
C VAL A 226 30.72 -0.31 -26.04
N ALA A 227 30.01 -1.29 -25.48
CA ALA A 227 28.55 -1.25 -25.48
C ALA A 227 28.03 -0.04 -24.72
N LEU A 228 28.72 0.40 -23.67
CA LEU A 228 28.26 1.56 -22.91
C LEU A 228 28.43 2.84 -23.72
N ARG A 229 29.58 3.02 -24.37
CA ARG A 229 29.75 4.18 -25.24
C ARG A 229 28.75 4.16 -26.38
N SER A 230 28.40 2.97 -26.87
CA SER A 230 27.37 2.87 -27.91
C SER A 230 26.00 3.25 -27.38
N ALA A 231 25.70 2.94 -26.12
CA ALA A 231 24.42 3.34 -25.54
C ALA A 231 24.36 4.85 -25.30
N ARG A 232 25.48 5.46 -24.96
CA ARG A 232 25.55 6.91 -24.79
C ARG A 232 25.39 7.66 -26.11
N ARG A 233 25.33 6.92 -27.20
CA ARG A 233 25.28 7.53 -28.51
C ARG A 233 23.91 7.67 -29.08
N PHE A 234 23.02 6.78 -28.71
CA PHE A 234 21.71 6.80 -29.30
C PHE A 234 20.89 8.00 -28.94
N GLY A 235 21.19 8.69 -27.85
CA GLY A 235 20.34 9.80 -27.41
C GLY A 235 18.91 9.38 -27.23
N ALA A 236 18.69 8.13 -26.84
CA ALA A 236 17.36 7.54 -26.74
C ALA A 236 17.43 6.37 -25.76
N PRO A 237 16.30 5.94 -25.21
CA PRO A 237 16.32 4.82 -24.26
C PRO A 237 16.96 3.59 -24.87
N VAL A 238 17.75 2.88 -24.06
CA VAL A 238 18.54 1.75 -24.55
C VAL A 238 18.79 0.79 -23.39
N ILE A 239 18.67 -0.51 -23.66
CA ILE A 239 18.97 -1.55 -22.69
C ILE A 239 20.34 -2.12 -23.03
N VAL A 240 21.23 -2.18 -22.04
CA VAL A 240 22.54 -2.79 -22.17
C VAL A 240 22.50 -4.07 -21.35
N HIS A 241 22.41 -5.21 -22.02
CA HIS A 241 22.33 -6.51 -21.36
C HIS A 241 23.74 -7.04 -21.09
N VAL A 242 24.06 -7.23 -19.82
CA VAL A 242 25.37 -7.69 -19.38
C VAL A 242 25.21 -9.05 -18.73
N VAL A 243 25.97 -10.04 -19.21
CA VAL A 243 25.88 -11.41 -18.72
C VAL A 243 27.00 -11.63 -17.70
N THR A 244 26.61 -12.03 -16.49
CA THR A 244 27.56 -12.21 -15.40
C THR A 244 27.35 -13.51 -14.62
N GLY A 281 12.91 -22.06 16.31
CA GLY A 281 12.29 -22.45 15.06
C GLY A 281 10.90 -21.92 14.90
N TRP A 282 10.78 -20.64 14.66
CA TRP A 282 9.49 -20.09 14.44
C TRP A 282 9.00 -20.62 13.13
N THR A 283 9.77 -20.37 12.08
CA THR A 283 9.34 -20.76 10.77
C THR A 283 9.07 -22.25 10.70
N ALA A 284 9.91 -23.02 11.37
CA ALA A 284 9.72 -24.46 11.37
C ALA A 284 8.43 -24.87 12.05
N THR A 285 7.95 -24.06 12.97
CA THR A 285 6.70 -24.40 13.67
C THR A 285 5.58 -24.19 12.70
N PHE A 286 5.62 -23.08 11.96
CA PHE A 286 4.55 -22.76 10.99
C PHE A 286 4.44 -23.90 10.04
N SER A 287 5.57 -24.31 9.48
CA SER A 287 5.57 -25.43 8.50
C SER A 287 4.86 -26.65 9.08
N ASP A 288 5.31 -27.15 10.22
CA ASP A 288 4.70 -28.40 10.74
C ASP A 288 3.21 -28.20 10.94
N ALA A 289 2.84 -27.05 11.50
CA ALA A 289 1.42 -26.84 11.82
C ALA A 289 0.58 -26.88 10.54
N LEU A 290 1.03 -26.16 9.53
CA LEU A 290 0.28 -26.11 8.25
C LEU A 290 0.20 -27.52 7.68
N ILE A 291 1.31 -28.23 7.69
CA ILE A 291 1.32 -29.58 7.08
C ILE A 291 0.23 -30.38 7.78
N GLY A 292 0.16 -30.35 9.11
CA GLY A 292 -0.85 -31.23 9.74
C GLY A 292 -2.26 -30.76 9.43
N TYR A 293 -2.42 -29.46 9.52
CA TYR A 293 -3.76 -28.89 9.28
C TYR A 293 -4.20 -29.40 7.93
N ALA A 294 -3.33 -29.49 6.92
CA ALA A 294 -3.65 -29.91 5.53
C ALA A 294 -3.78 -31.42 5.36
N GLN A 295 -2.96 -32.17 6.07
CA GLN A 295 -3.12 -33.64 6.06
C GLN A 295 -4.55 -33.87 6.52
N LYS A 296 -5.20 -32.87 7.10
CA LYS A 296 -6.55 -33.16 7.65
C LYS A 296 -7.61 -32.38 6.86
N ARG A 297 -7.22 -31.37 6.09
CA ARG A 297 -8.21 -30.65 5.26
C ARG A 297 -7.61 -30.39 3.88
N ARG A 298 -8.38 -30.56 2.81
CA ARG A 298 -7.78 -30.43 1.47
C ARG A 298 -8.27 -29.14 0.79
N ASP A 299 -8.75 -28.20 1.59
CA ASP A 299 -9.15 -26.88 1.04
C ASP A 299 -7.97 -25.93 1.24
N ILE A 300 -6.86 -26.45 1.75
CA ILE A 300 -5.76 -25.57 2.06
C ILE A 300 -4.72 -25.59 1.02
N VAL A 301 -4.24 -24.42 0.69
CA VAL A 301 -3.27 -24.27 -0.35
C VAL A 301 -2.36 -23.16 0.07
N ALA A 302 -1.24 -23.00 -0.59
CA ALA A 302 -0.28 -22.00 -0.18
C ALA A 302 0.32 -21.23 -1.30
N ILE A 303 0.59 -19.97 -1.07
CA ILE A 303 1.16 -19.12 -2.07
C ILE A 303 2.32 -18.32 -1.53
N THR A 304 3.37 -18.15 -2.32
CA THR A 304 4.52 -17.40 -1.91
C THR A 304 5.02 -16.51 -3.00
N ALA A 305 5.52 -15.32 -2.62
CA ALA A 305 6.09 -14.38 -3.62
C ALA A 305 7.56 -14.68 -3.85
N ALA A 306 7.88 -15.79 -4.53
CA ALA A 306 9.28 -16.15 -4.85
C ALA A 306 10.14 -16.22 -3.57
N MET A 307 9.61 -16.81 -2.51
CA MET A 307 10.41 -16.99 -1.26
C MET A 307 9.83 -18.11 -0.38
N PRO A 308 9.55 -19.33 -0.91
CA PRO A 308 8.93 -20.38 -0.09
C PRO A 308 9.96 -20.97 0.86
N GLY A 309 11.23 -20.95 0.46
CA GLY A 309 12.30 -21.48 1.29
C GLY A 309 12.52 -20.70 2.58
N PRO A 310 12.71 -19.38 2.47
CA PRO A 310 12.86 -18.57 3.68
C PRO A 310 11.58 -18.61 4.50
N THR A 311 10.43 -18.65 3.85
CA THR A 311 9.17 -18.64 4.58
C THR A 311 8.75 -20.02 5.04
N GLY A 312 9.57 -21.04 4.77
CA GLY A 312 9.23 -22.35 5.26
C GLY A 312 8.01 -22.93 4.61
N LEU A 313 7.94 -22.85 3.28
CA LEU A 313 6.77 -23.50 2.63
C LEU A 313 7.24 -24.68 1.76
N THR A 314 8.54 -24.76 1.52
CA THR A 314 9.07 -25.82 0.64
C THR A 314 8.54 -27.14 1.09
N ALA A 315 8.41 -27.33 2.40
CA ALA A 315 7.99 -28.65 2.90
C ALA A 315 6.57 -28.96 2.42
N PHE A 316 5.73 -27.93 2.37
CA PHE A 316 4.32 -28.11 1.94
C PHE A 316 4.34 -28.57 0.51
N GLY A 317 5.18 -27.94 -0.30
CA GLY A 317 5.30 -28.39 -1.70
C GLY A 317 5.79 -29.81 -1.71
N GLN A 318 6.79 -30.13 -0.90
CA GLN A 318 7.27 -31.53 -0.83
C GLN A 318 6.11 -32.49 -0.56
N ARG A 319 5.27 -32.22 0.43
CA ARG A 319 4.21 -33.21 0.80
C ARG A 319 2.97 -33.03 -0.08
N PHE A 320 2.54 -31.79 -0.31
CA PHE A 320 1.37 -31.47 -1.18
C PHE A 320 1.88 -30.69 -2.40
N PRO A 321 2.57 -31.25 -3.44
CA PRO A 321 3.11 -30.42 -4.51
C PRO A 321 2.16 -29.64 -5.37
N ASP A 322 0.92 -30.12 -5.44
CA ASP A 322 -0.09 -29.48 -6.31
C ASP A 322 -0.76 -28.34 -5.56
N ARG A 323 -0.34 -28.09 -4.32
CA ARG A 323 -1.05 -27.07 -3.53
C ARG A 323 -0.12 -25.92 -3.14
N LEU A 324 1.14 -25.93 -3.61
CA LEU A 324 2.04 -24.77 -3.37
C LEU A 324 2.16 -23.99 -4.68
N PHE A 325 1.90 -22.69 -4.63
CA PHE A 325 1.90 -21.88 -5.88
C PHE A 325 2.91 -20.75 -5.77
N ASP A 326 4.11 -20.93 -6.30
CA ASP A 326 5.09 -19.86 -6.38
C ASP A 326 4.72 -18.96 -7.55
N VAL A 327 4.39 -17.70 -7.25
CA VAL A 327 3.95 -16.75 -8.31
C VAL A 327 5.13 -15.87 -8.71
N GLY A 328 6.34 -16.23 -8.28
CA GLY A 328 7.53 -15.39 -8.57
C GLY A 328 7.40 -14.05 -7.89
N ILE A 329 8.05 -12.99 -8.36
CA ILE A 329 8.03 -11.70 -7.61
C ILE A 329 6.75 -10.94 -7.95
N ALA A 330 5.60 -11.41 -7.47
CA ALA A 330 4.32 -10.76 -7.85
C ALA A 330 3.37 -10.65 -6.66
N GLU A 331 3.76 -9.86 -5.66
CA GLU A 331 2.92 -9.71 -4.44
C GLU A 331 1.51 -9.30 -4.82
N GLN A 332 1.37 -8.34 -5.71
CA GLN A 332 0.02 -7.84 -6.04
C GLN A 332 -0.77 -8.98 -6.68
N HIS A 333 -0.11 -9.80 -7.49
CA HIS A 333 -0.78 -10.93 -8.13
C HIS A 333 -0.99 -12.08 -7.15
N ALA A 334 -0.08 -12.24 -6.19
CA ALA A 334 -0.21 -13.31 -5.21
C ALA A 334 -1.48 -13.13 -4.38
N MET A 335 -1.76 -11.90 -3.97
CA MET A 335 -2.92 -11.61 -3.14
C MET A 335 -4.22 -11.85 -3.90
N THR A 336 -4.29 -11.42 -5.16
CA THR A 336 -5.55 -11.53 -5.89
C THR A 336 -5.77 -12.93 -6.42
N SER A 337 -4.73 -13.69 -6.66
CA SER A 337 -4.91 -15.06 -7.04
C SER A 337 -5.47 -15.79 -5.87
N ALA A 338 -4.96 -15.49 -4.69
CA ALA A 338 -5.55 -16.07 -3.49
C ALA A 338 -7.00 -15.65 -3.33
N ALA A 339 -7.35 -14.44 -3.77
CA ALA A 339 -8.76 -14.05 -3.78
C ALA A 339 -9.55 -14.92 -4.75
N GLY A 340 -9.01 -15.16 -5.94
CA GLY A 340 -9.65 -16.08 -6.87
C GLY A 340 -9.69 -17.50 -6.34
N LEU A 341 -8.54 -17.99 -5.86
CA LEU A 341 -8.50 -19.32 -5.23
C LEU A 341 -9.54 -19.44 -4.12
N ALA A 342 -9.76 -18.37 -3.36
CA ALA A 342 -10.77 -18.41 -2.30
C ALA A 342 -12.18 -18.37 -2.87
N MET A 343 -12.35 -17.72 -4.00
CA MET A 343 -13.70 -17.71 -4.61
C MET A 343 -13.99 -19.09 -5.18
N GLY A 344 -12.96 -19.91 -5.30
CA GLY A 344 -13.11 -21.26 -5.89
C GLY A 344 -13.39 -22.33 -4.85
N GLY A 345 -13.64 -21.94 -3.62
CA GLY A 345 -14.04 -22.90 -2.58
C GLY A 345 -12.87 -23.26 -1.70
N LEU A 346 -11.69 -22.75 -2.03
CA LEU A 346 -10.48 -23.11 -1.27
C LEU A 346 -10.17 -22.06 -0.22
N HIS A 347 -9.23 -22.35 0.67
CA HIS A 347 -8.80 -21.39 1.72
C HIS A 347 -7.30 -21.18 1.56
N PRO A 348 -6.92 -20.11 0.85
CA PRO A 348 -5.51 -19.83 0.66
C PRO A 348 -4.71 -19.38 1.87
N VAL A 349 -3.41 -19.68 1.89
CA VAL A 349 -2.52 -19.19 2.94
C VAL A 349 -1.38 -18.49 2.23
N VAL A 350 -1.33 -17.17 2.34
CA VAL A 350 -0.31 -16.37 1.66
C VAL A 350 0.80 -16.05 2.66
N ALA A 351 2.03 -16.38 2.29
CA ALA A 351 3.21 -16.08 3.10
C ALA A 351 3.95 -14.93 2.43
N ILE A 352 4.01 -13.78 3.09
CA ILE A 352 4.71 -12.61 2.60
C ILE A 352 5.37 -11.91 3.79
N TYR A 353 6.63 -11.53 3.63
CA TYR A 353 7.36 -10.85 4.69
C TYR A 353 6.62 -9.58 5.10
N SER A 354 6.75 -9.23 6.39
CA SER A 354 6.03 -8.08 6.94
C SER A 354 6.34 -6.81 6.16
N THR A 355 7.63 -6.54 5.92
CA THR A 355 8.01 -5.32 5.22
C THR A 355 7.61 -5.32 3.75
N PHE A 356 7.23 -6.47 3.19
CA PHE A 356 6.83 -6.56 1.79
C PHE A 356 5.32 -6.68 1.64
N LEU A 357 4.55 -6.22 2.62
CA LEU A 357 3.07 -6.37 2.59
C LEU A 357 2.44 -5.09 2.07
N ASN A 358 3.11 -3.96 2.30
CA ASN A 358 2.57 -2.63 1.89
C ASN A 358 2.35 -2.66 0.38
N ARG A 359 2.99 -3.60 -0.30
CA ARG A 359 2.91 -3.68 -1.77
C ARG A 359 1.52 -4.18 -2.18
N ALA A 360 1.03 -5.22 -1.50
CA ALA A 360 -0.26 -5.82 -1.88
C ALA A 360 -1.41 -5.22 -1.07
N PHE A 361 -1.28 -3.97 -0.60
CA PHE A 361 -2.31 -3.44 0.29
C PHE A 361 -3.65 -3.26 -0.43
N ASP A 362 -3.64 -2.60 -1.60
CA ASP A 362 -4.88 -2.40 -2.34
C ASP A 362 -5.53 -3.74 -2.67
N GLN A 363 -4.74 -4.77 -2.91
CA GLN A 363 -5.31 -6.09 -3.17
C GLN A 363 -5.85 -6.73 -1.90
N ILE A 364 -5.36 -6.31 -0.74
CA ILE A 364 -5.92 -6.79 0.52
C ILE A 364 -7.26 -6.11 0.78
N MET A 365 -7.36 -4.81 0.50
CA MET A 365 -8.61 -4.09 0.74
C MET A 365 -9.66 -4.39 -0.34
N MET A 366 -9.30 -4.17 -1.60
CA MET A 366 -10.28 -4.25 -2.68
C MET A 366 -10.59 -5.67 -3.12
N ASP A 367 -9.61 -6.58 -3.02
CA ASP A 367 -9.83 -7.95 -3.57
C ASP A 367 -10.18 -8.95 -2.48
N VAL A 368 -9.63 -8.81 -1.28
CA VAL A 368 -9.87 -9.84 -0.23
C VAL A 368 -10.90 -9.36 0.80
N ALA A 369 -10.71 -8.15 1.34
CA ALA A 369 -11.59 -7.67 2.40
C ALA A 369 -12.93 -7.20 1.86
N LEU A 370 -12.95 -6.60 0.66
CA LEU A 370 -14.19 -6.14 0.06
C LEU A 370 -15.18 -7.29 -0.13
N HIS A 371 -14.67 -8.46 -0.49
CA HIS A 371 -15.53 -9.61 -0.78
C HIS A 371 -15.56 -10.60 0.36
N LYS A 372 -14.96 -10.27 1.51
CA LYS A 372 -15.01 -11.11 2.71
C LYS A 372 -14.52 -12.52 2.42
N LEU A 373 -13.40 -12.62 1.70
CA LEU A 373 -12.88 -13.90 1.26
C LEU A 373 -11.95 -14.49 2.33
N PRO A 374 -12.03 -15.80 2.57
CA PRO A 374 -11.20 -16.45 3.61
C PRO A 374 -9.76 -16.70 3.18
N VAL A 375 -8.96 -15.63 3.20
CA VAL A 375 -7.53 -15.70 2.92
C VAL A 375 -6.79 -15.51 4.24
N THR A 376 -5.80 -16.36 4.49
CA THR A 376 -4.96 -16.26 5.68
C THR A 376 -3.60 -15.72 5.26
N MET A 377 -3.22 -14.56 5.78
CA MET A 377 -1.90 -13.99 5.53
C MET A 377 -0.96 -14.34 6.68
N VAL A 378 0.25 -14.74 6.33
CA VAL A 378 1.27 -15.12 7.30
C VAL A 378 2.46 -14.20 7.11
N LEU A 379 2.79 -13.44 8.16
CA LEU A 379 3.74 -12.34 8.08
C LEU A 379 4.96 -12.67 8.94
N ASP A 380 6.05 -13.10 8.33
CA ASP A 380 7.28 -13.31 9.06
C ASP A 380 8.04 -12.03 8.97
N ARG A 381 9.20 -12.01 9.57
CA ARG A 381 10.06 -10.83 9.59
C ARG A 381 9.29 -9.62 10.15
N ALA A 382 8.56 -9.91 11.22
CA ALA A 382 7.75 -8.88 11.85
C ALA A 382 8.28 -8.51 13.16
N GLY A 383 8.65 -7.26 13.30
CA GLY A 383 9.22 -6.80 14.52
C GLY A 383 10.67 -6.52 14.40
N ILE A 384 11.25 -5.98 15.45
CA ILE A 384 12.65 -5.67 15.45
C ILE A 384 13.38 -6.76 16.17
N THR A 385 12.64 -7.72 16.68
CA THR A 385 13.24 -8.85 17.35
C THR A 385 14.63 -9.09 16.84
N ASN A 393 12.64 -3.23 9.22
CA ASN A 393 11.59 -3.83 8.34
C ASN A 393 10.30 -4.03 9.15
N GLY A 394 9.16 -4.21 8.48
CA GLY A 394 7.88 -4.33 9.19
C GLY A 394 7.61 -3.08 10.00
N MET A 395 7.26 -3.23 11.28
CA MET A 395 7.05 -2.08 12.21
C MET A 395 5.70 -1.38 11.91
N TRP A 396 5.07 -1.74 10.80
CA TRP A 396 3.81 -1.06 10.36
C TRP A 396 2.70 -2.05 10.09
N ASP A 397 2.99 -3.34 10.21
CA ASP A 397 1.97 -4.34 9.80
C ASP A 397 0.71 -4.20 10.64
N LEU A 398 0.85 -4.05 11.94
CA LEU A 398 -0.37 -3.98 12.78
C LEU A 398 -1.22 -2.78 12.34
N SER A 399 -0.61 -1.62 12.12
CA SER A 399 -1.34 -0.41 11.70
C SER A 399 -2.04 -0.60 10.34
N MET A 400 -1.29 -1.17 9.42
CA MET A 400 -1.82 -1.32 8.05
C MET A 400 -3.01 -2.29 8.09
N LEU A 401 -2.91 -3.34 8.92
CA LEU A 401 -3.97 -4.36 8.94
C LEU A 401 -5.18 -3.83 9.71
N GLY A 402 -4.94 -2.96 10.67
CA GLY A 402 -6.02 -2.31 11.41
C GLY A 402 -6.81 -1.45 10.50
N ILE A 403 -6.17 -0.92 9.45
CA ILE A 403 -7.03 -0.18 8.47
C ILE A 403 -7.96 -1.12 7.67
N VAL A 404 -7.68 -2.42 7.54
CA VAL A 404 -8.40 -3.37 6.71
C VAL A 404 -9.72 -3.76 7.37
N PRO A 405 -10.87 -3.47 6.77
CA PRO A 405 -12.15 -3.68 7.45
C PRO A 405 -12.48 -5.15 7.60
N GLY A 406 -12.93 -5.52 8.81
CA GLY A 406 -13.32 -6.88 9.11
C GLY A 406 -12.19 -7.86 9.28
N ILE A 407 -10.97 -7.37 9.48
CA ILE A 407 -9.81 -8.30 9.53
C ILE A 407 -9.61 -8.84 10.94
N ARG A 408 -8.97 -9.99 11.03
CA ARG A 408 -8.66 -10.60 12.33
C ARG A 408 -7.17 -10.87 12.33
N VAL A 409 -6.44 -10.23 13.23
CA VAL A 409 -4.95 -10.36 13.23
C VAL A 409 -4.52 -11.05 14.53
N ALA A 410 -3.63 -12.01 14.41
CA ALA A 410 -3.12 -12.66 15.62
C ALA A 410 -1.60 -12.48 15.69
N ALA A 411 -1.08 -12.47 16.91
CA ALA A 411 0.37 -12.36 17.10
C ALA A 411 0.72 -13.42 18.13
N PRO A 412 1.18 -14.58 17.68
CA PRO A 412 1.59 -15.61 18.62
C PRO A 412 2.70 -15.18 19.56
N ARG A 413 2.70 -15.74 20.77
CA ARG A 413 3.72 -15.41 21.80
C ARG A 413 4.68 -16.60 21.96
N ASP A 414 4.24 -17.78 21.55
CA ASP A 414 5.07 -19.01 21.70
C ASP A 414 4.72 -19.96 20.55
N ALA A 415 5.49 -21.04 20.42
CA ALA A 415 5.21 -22.00 19.37
C ALA A 415 3.84 -22.66 19.55
N THR A 416 3.49 -23.00 20.79
CA THR A 416 2.18 -23.62 21.04
C THR A 416 1.04 -22.71 20.63
N ARG A 417 1.23 -21.42 20.78
CA ARG A 417 0.19 -20.51 20.40
C ARG A 417 0.14 -20.37 18.90
N LEU A 418 1.29 -20.46 18.25
CA LEU A 418 1.34 -20.47 16.79
C LEU A 418 0.49 -21.60 16.22
N ARG A 419 0.65 -22.81 16.77
CA ARG A 419 -0.18 -23.93 16.33
C ARG A 419 -1.66 -23.66 16.62
N GLU A 420 -1.95 -22.94 17.70
CA GLU A 420 -3.35 -22.74 18.10
C GLU A 420 -4.03 -21.68 17.26
N GLU A 421 -3.39 -20.53 17.05
CA GLU A 421 -4.04 -19.47 16.28
C GLU A 421 -4.04 -19.78 14.78
N LEU A 422 -3.13 -20.63 14.30
CA LEU A 422 -3.19 -21.05 12.90
C LEU A 422 -4.48 -21.81 12.61
N GLY A 423 -4.77 -22.84 13.42
CA GLY A 423 -6.03 -23.54 13.26
C GLY A 423 -7.23 -22.64 13.42
N GLU A 424 -7.14 -21.64 14.30
CA GLU A 424 -8.24 -20.69 14.45
C GLU A 424 -8.34 -19.79 13.23
N ALA A 425 -7.20 -19.43 12.64
CA ALA A 425 -7.23 -18.62 11.43
C ALA A 425 -7.78 -19.43 10.25
N LEU A 426 -7.37 -20.69 10.13
CA LEU A 426 -7.84 -21.54 9.04
C LEU A 426 -9.31 -21.92 9.19
N ASP A 427 -9.94 -21.62 10.32
CA ASP A 427 -11.34 -21.91 10.54
C ASP A 427 -12.23 -20.66 10.43
N VAL A 428 -11.65 -19.54 9.97
CA VAL A 428 -12.42 -18.34 9.68
C VAL A 428 -12.65 -18.29 8.18
N ASP A 429 -13.91 -18.36 7.78
CA ASP A 429 -14.24 -18.44 6.38
C ASP A 429 -15.11 -17.31 5.87
N ASP A 430 -15.22 -16.24 6.63
CA ASP A 430 -16.02 -15.09 6.23
C ASP A 430 -15.21 -13.80 6.24
N GLY A 431 -13.89 -13.89 6.13
CA GLY A 431 -13.04 -12.72 6.11
C GLY A 431 -11.57 -13.07 6.15
N PRO A 432 -10.71 -12.09 5.90
CA PRO A 432 -9.27 -12.33 5.93
C PRO A 432 -8.75 -12.44 7.35
N THR A 433 -7.60 -13.09 7.50
CA THR A 433 -6.99 -13.29 8.77
C THR A 433 -5.50 -13.08 8.62
N ALA A 434 -4.79 -12.88 9.71
CA ALA A 434 -3.37 -12.59 9.63
C ALA A 434 -2.64 -13.10 10.87
N LEU A 435 -1.42 -13.59 10.65
CA LEU A 435 -0.52 -14.03 11.72
C LEU A 435 0.79 -13.26 11.64
N ARG A 436 1.41 -13.05 12.77
CA ARG A 436 2.60 -12.23 12.82
C ARG A 436 3.61 -12.87 13.72
N PHE A 437 4.77 -13.17 13.19
CA PHE A 437 5.79 -13.69 14.04
C PHE A 437 7.14 -13.08 13.78
N PRO A 438 8.07 -13.20 14.75
CA PRO A 438 9.40 -12.67 14.58
C PRO A 438 10.31 -13.51 13.72
N LYS A 439 11.54 -13.03 13.49
CA LYS A 439 12.46 -13.76 12.58
C LYS A 439 13.56 -14.45 13.40
N GLY A 440 13.40 -14.51 14.72
CA GLY A 440 14.37 -15.20 15.59
C GLY A 440 13.96 -16.64 15.84
N ASP A 441 14.50 -17.25 16.89
CA ASP A 441 14.08 -18.64 17.26
C ASP A 441 12.96 -18.54 18.30
N VAL A 442 12.11 -19.57 18.40
CA VAL A 442 10.96 -19.50 19.34
C VAL A 442 11.46 -19.95 20.71
N GLY A 443 11.28 -19.07 21.67
CA GLY A 443 11.70 -19.38 23.01
C GLY A 443 10.81 -20.42 23.66
N GLU A 444 11.12 -20.70 24.92
CA GLU A 444 10.32 -21.60 25.73
C GLU A 444 8.86 -21.13 25.78
N ASP A 445 7.96 -22.10 25.93
CA ASP A 445 6.55 -21.78 26.06
C ASP A 445 6.29 -20.94 27.30
N ILE A 446 5.23 -20.13 27.23
CA ILE A 446 4.82 -19.28 28.34
C ILE A 446 3.38 -19.65 28.69
N SER A 447 3.20 -20.27 29.85
CA SER A 447 1.90 -20.79 30.23
C SER A 447 0.99 -19.68 30.75
N ALA A 448 -0.31 -19.88 30.56
CA ALA A 448 -1.32 -18.92 30.98
C ALA A 448 -2.01 -19.41 32.24
N LEU A 449 -2.52 -18.46 33.03
CA LEU A 449 -3.23 -18.78 34.26
C LEU A 449 -4.70 -19.08 34.02
N GLU A 450 -5.31 -18.43 33.03
CA GLU A 450 -6.71 -18.62 32.70
C GLU A 450 -6.97 -17.92 31.37
N ARG A 451 -8.15 -18.18 30.81
CA ARG A 451 -8.57 -17.55 29.56
C ARG A 451 -9.90 -16.86 29.81
N ARG A 452 -9.91 -15.56 29.72
CA ARG A 452 -11.11 -14.80 29.89
C ARG A 452 -11.37 -14.04 28.62
N GLY A 453 -12.51 -14.29 28.01
CA GLY A 453 -12.85 -13.64 26.76
C GLY A 453 -11.84 -13.83 25.66
N GLY A 454 -11.24 -15.01 25.57
CA GLY A 454 -10.19 -15.28 24.60
C GLY A 454 -8.83 -14.72 24.96
N VAL A 455 -8.73 -13.90 26.01
CA VAL A 455 -7.47 -13.27 26.41
C VAL A 455 -6.76 -14.20 27.39
N ASP A 456 -5.47 -14.45 27.14
CA ASP A 456 -4.66 -15.29 28.02
C ASP A 456 -4.04 -14.41 29.11
N VAL A 457 -4.35 -14.72 30.36
CA VAL A 457 -3.75 -14.04 31.51
C VAL A 457 -2.44 -14.76 31.82
N LEU A 458 -1.32 -14.04 31.67
CA LEU A 458 0.00 -14.62 31.91
C LEU A 458 0.57 -14.29 33.27
N ALA A 459 -0.01 -13.34 34.00
CA ALA A 459 0.48 -12.94 35.30
C ALA A 459 -0.61 -12.15 36.02
N ALA A 460 -0.71 -12.36 37.33
CA ALA A 460 -1.68 -11.67 38.17
C ALA A 460 -0.96 -10.94 39.30
N PRO A 461 -1.52 -9.83 39.80
CA PRO A 461 -0.89 -9.14 40.92
C PRO A 461 -0.87 -10.01 42.17
N ALA A 462 0.28 -10.07 42.82
CA ALA A 462 0.44 -10.91 44.00
C ALA A 462 -0.51 -10.47 45.12
N ASP A 463 -0.81 -11.40 46.01
CA ASP A 463 -1.68 -11.12 47.14
C ASP A 463 -1.12 -9.98 47.97
N GLY A 464 -1.98 -9.01 48.32
CA GLY A 464 -1.56 -7.80 48.97
C GLY A 464 -1.29 -6.64 48.04
N LEU A 465 -1.25 -6.88 46.73
CA LEU A 465 -1.05 -5.84 45.74
C LEU A 465 -2.37 -5.51 45.05
N ASN A 466 -2.43 -4.30 44.51
CA ASN A 466 -3.70 -3.85 43.88
C ASN A 466 -3.64 -4.06 42.37
N HIS A 467 -4.80 -4.09 41.72
CA HIS A 467 -4.87 -4.17 40.24
C HIS A 467 -4.55 -2.77 39.70
N ASP A 468 -3.27 -2.43 39.66
CA ASP A 468 -2.81 -1.09 39.25
C ASP A 468 -2.63 -0.96 37.74
N VAL A 469 -1.88 -1.86 37.10
CA VAL A 469 -1.58 -1.70 35.68
C VAL A 469 -1.92 -2.99 34.94
N LEU A 470 -2.64 -2.85 33.83
CA LEU A 470 -2.93 -3.95 32.93
C LEU A 470 -1.94 -3.86 31.77
N LEU A 471 -1.00 -4.79 31.72
CA LEU A 471 0.06 -4.81 30.72
C LEU A 471 -0.37 -5.72 29.58
N VAL A 472 -0.69 -5.12 28.43
CA VAL A 472 -1.11 -5.87 27.24
C VAL A 472 0.14 -6.16 26.41
N ALA A 473 0.59 -7.43 26.43
CA ALA A 473 1.79 -7.83 25.67
C ALA A 473 1.40 -8.20 24.24
N ILE A 474 2.03 -7.57 23.25
CA ILE A 474 1.69 -7.85 21.81
C ILE A 474 2.90 -8.51 21.14
N GLY A 475 2.66 -9.46 20.25
CA GLY A 475 3.75 -10.16 19.53
C GLY A 475 4.56 -11.03 20.46
N ALA A 476 5.89 -10.92 20.39
CA ALA A 476 6.78 -11.77 21.22
C ALA A 476 7.38 -10.95 22.36
N PHE A 477 6.72 -9.84 22.72
CA PHE A 477 7.21 -8.99 23.85
C PHE A 477 6.73 -9.59 25.17
N ALA A 478 6.06 -10.74 25.11
CA ALA A 478 5.53 -11.34 26.32
C ALA A 478 6.62 -11.63 27.36
N PRO A 479 7.78 -12.19 26.99
CA PRO A 479 8.82 -12.40 28.01
C PRO A 479 9.21 -11.11 28.73
N MET A 480 9.44 -10.03 27.98
CA MET A 480 9.80 -8.76 28.59
C MET A 480 8.66 -8.23 29.47
N ALA A 481 7.41 -8.46 29.05
CA ALA A 481 6.28 -8.00 29.84
C ALA A 481 6.23 -8.70 31.20
N LEU A 482 6.62 -9.97 31.25
CA LEU A 482 6.69 -10.66 32.54
C LEU A 482 7.81 -10.09 33.40
N ALA A 483 8.96 -9.78 32.80
CA ALA A 483 10.06 -9.20 33.55
C ALA A 483 9.71 -7.82 34.08
N VAL A 484 8.92 -7.04 33.33
CA VAL A 484 8.45 -5.76 33.84
C VAL A 484 7.53 -5.97 35.03
N ALA A 485 6.66 -6.98 34.95
CA ALA A 485 5.81 -7.32 36.08
C ALA A 485 6.63 -7.84 37.26
N LYS A 486 7.81 -8.36 37.04
CA LYS A 486 8.61 -8.85 38.14
C LYS A 486 9.33 -7.71 38.83
N ARG A 487 9.68 -6.69 38.07
CA ARG A 487 10.26 -5.51 38.71
C ARG A 487 9.21 -4.69 39.45
N LEU A 488 8.04 -4.51 38.82
CA LEU A 488 6.99 -3.72 39.45
C LEU A 488 6.41 -4.41 40.67
N HIS A 489 6.52 -5.74 40.76
CA HIS A 489 6.09 -6.42 41.97
C HIS A 489 7.01 -6.10 43.14
N ASN A 490 8.32 -6.00 42.89
CA ASN A 490 9.26 -5.66 43.95
C ASN A 490 9.05 -4.24 44.48
N GLN A 491 8.40 -3.37 43.71
CA GLN A 491 8.12 -2.01 44.14
C GLN A 491 6.75 -1.86 44.78
N GLY A 492 5.92 -2.89 44.75
CA GLY A 492 4.60 -2.83 45.34
C GLY A 492 3.49 -2.52 44.36
N ILE A 493 3.75 -2.57 43.06
CA ILE A 493 2.77 -2.24 42.04
C ILE A 493 2.28 -3.56 41.43
N GLY A 494 0.98 -3.74 41.41
CA GLY A 494 0.38 -4.98 40.91
C GLY A 494 0.10 -4.90 39.42
N VAL A 495 0.63 -5.87 38.68
CA VAL A 495 0.54 -5.91 37.23
C VAL A 495 -0.24 -7.15 36.82
N THR A 496 -1.27 -6.98 36.00
CA THR A 496 -1.87 -8.06 35.24
C THR A 496 -1.26 -8.07 33.84
N VAL A 497 -0.55 -9.15 33.50
CA VAL A 497 0.04 -9.31 32.18
C VAL A 497 -0.86 -10.21 31.36
N ILE A 498 -1.29 -9.69 30.23
CA ILE A 498 -2.14 -10.45 29.34
C ILE A 498 -1.67 -10.52 27.91
N ASP A 499 -1.93 -11.64 27.25
CA ASP A 499 -1.66 -11.76 25.84
C ASP A 499 -3.01 -11.86 25.22
N PRO A 500 -3.38 -10.82 24.49
CA PRO A 500 -4.62 -10.92 23.76
C PRO A 500 -4.10 -11.72 22.66
N ARG A 501 -4.65 -12.89 22.42
CA ARG A 501 -3.99 -13.69 21.36
C ARG A 501 -4.32 -13.06 20.01
N TRP A 502 -5.56 -12.60 19.86
CA TRP A 502 -5.96 -11.98 18.66
C TRP A 502 -5.95 -10.53 18.96
N VAL A 503 -5.09 -9.79 18.29
CA VAL A 503 -4.93 -8.38 18.54
C VAL A 503 -6.00 -7.59 17.89
N LEU A 504 -6.46 -8.06 16.76
CA LEU A 504 -7.44 -7.26 16.04
C LEU A 504 -8.57 -8.17 15.55
N PRO A 505 -9.83 -7.79 15.78
CA PRO A 505 -10.31 -6.63 16.55
C PRO A 505 -10.03 -6.78 18.04
N VAL A 506 -10.05 -5.70 18.82
CA VAL A 506 -9.76 -5.81 20.26
C VAL A 506 -10.86 -6.65 20.91
N SER A 507 -10.45 -7.75 21.54
CA SER A 507 -11.38 -8.73 22.07
C SER A 507 -12.09 -8.20 23.32
N ASP A 508 -13.27 -8.77 23.58
CA ASP A 508 -14.04 -8.38 24.77
C ASP A 508 -13.27 -8.60 26.06
N GLY A 509 -12.31 -9.52 26.06
CA GLY A 509 -11.55 -9.77 27.28
C GLY A 509 -10.78 -8.55 27.74
N VAL A 510 -10.04 -7.93 26.84
CA VAL A 510 -9.23 -6.79 27.19
C VAL A 510 -10.08 -5.68 27.67
N ARG A 511 -11.24 -5.58 27.11
CA ARG A 511 -12.18 -4.55 27.53
C ARG A 511 -12.70 -4.83 28.94
N GLU A 512 -13.03 -6.11 29.23
CA GLU A 512 -13.50 -6.47 30.56
C GLU A 512 -12.41 -6.25 31.61
N LEU A 513 -11.15 -6.53 31.25
CA LEU A 513 -10.07 -6.40 32.22
C LEU A 513 -9.60 -4.96 32.39
N ALA A 514 -9.73 -4.13 31.35
CA ALA A 514 -9.21 -2.77 31.43
C ALA A 514 -9.99 -1.93 32.45
N VAL A 515 -11.30 -2.13 32.53
CA VAL A 515 -12.12 -1.41 33.50
C VAL A 515 -11.74 -1.76 34.93
N GLN A 516 -11.14 -2.93 35.15
CA GLN A 516 -10.71 -3.38 36.46
C GLN A 516 -9.33 -2.88 36.85
N HIS A 517 -8.77 -1.90 36.13
CA HIS A 517 -7.43 -1.41 36.42
C HIS A 517 -7.42 0.11 36.35
N LYS A 518 -6.29 0.70 36.74
CA LYS A 518 -6.14 2.15 36.75
C LYS A 518 -5.31 2.68 35.59
N LEU A 519 -4.48 1.85 34.99
CA LEU A 519 -3.63 2.27 33.89
C LEU A 519 -3.45 1.06 32.98
N LEU A 520 -3.67 1.27 31.68
CA LEU A 520 -3.45 0.26 30.66
C LEU A 520 -2.22 0.66 29.85
N VAL A 521 -1.27 -0.26 29.72
CA VAL A 521 -0.05 -0.02 28.96
C VAL A 521 0.10 -1.14 27.94
N THR A 522 0.18 -0.78 26.66
CA THR A 522 0.36 -1.75 25.59
C THR A 522 1.83 -1.83 25.19
N LEU A 523 2.31 -3.04 24.96
CA LEU A 523 3.71 -3.29 24.63
C LEU A 523 3.76 -4.08 23.32
N GLU A 524 4.04 -3.40 22.22
CA GLU A 524 3.97 -4.07 20.89
C GLU A 524 5.30 -3.99 20.14
N ASP A 525 5.62 -5.04 19.37
CA ASP A 525 6.83 -5.01 18.52
C ASP A 525 6.40 -4.38 17.20
N ASN A 526 5.91 -3.15 17.26
CA ASN A 526 5.41 -2.47 16.06
C ASN A 526 5.50 -0.98 16.31
N GLY A 527 5.39 -0.20 15.25
CA GLY A 527 5.35 1.24 15.37
C GLY A 527 4.13 1.70 16.16
N VAL A 528 4.31 2.76 16.95
CA VAL A 528 3.23 3.21 17.84
C VAL A 528 2.11 3.91 17.09
N ASN A 529 2.40 4.48 15.92
CA ASN A 529 1.39 5.19 15.15
C ASN A 529 0.38 4.19 14.58
N GLY A 530 -0.86 4.27 15.05
CA GLY A 530 -1.90 3.36 14.58
C GLY A 530 -1.66 1.90 14.90
N GLY A 531 -0.77 1.59 15.84
CA GLY A 531 -0.46 0.23 16.19
C GLY A 531 -1.47 -0.40 17.13
N ALA A 532 -1.03 -1.45 17.83
CA ALA A 532 -1.92 -2.18 18.74
C ALA A 532 -2.37 -1.29 19.90
N GLY A 533 -1.45 -0.52 20.48
CA GLY A 533 -1.83 0.36 21.57
C GLY A 533 -2.90 1.36 21.16
N SER A 534 -2.78 1.91 19.95
CA SER A 534 -3.77 2.86 19.45
C SER A 534 -5.13 2.19 19.28
N ALA A 535 -5.14 0.97 18.74
CA ALA A 535 -6.39 0.26 18.52
C ALA A 535 -7.06 -0.08 19.85
N VAL A 536 -6.27 -0.45 20.87
CA VAL A 536 -6.84 -0.70 22.19
C VAL A 536 -7.47 0.57 22.74
N SER A 537 -6.72 1.67 22.71
CA SER A 537 -7.23 2.96 23.18
C SER A 537 -8.49 3.37 22.45
N ALA A 538 -8.58 3.08 21.15
CA ALA A 538 -9.78 3.44 20.41
C ALA A 538 -10.95 2.55 20.79
N ALA A 539 -10.67 1.27 21.09
CA ALA A 539 -11.74 0.31 21.31
C ALA A 539 -12.43 0.55 22.65
N LEU A 540 -11.68 0.95 23.68
CA LEU A 540 -12.32 1.19 24.97
C LEU A 540 -12.94 2.59 25.04
N ARG A 541 -12.38 3.57 24.33
CA ARG A 541 -13.08 4.85 24.23
C ARG A 541 -14.35 4.71 23.41
N ARG A 542 -14.44 3.70 22.55
CA ARG A 542 -15.69 3.45 21.81
C ARG A 542 -16.67 2.77 22.75
N ALA A 543 -16.16 2.25 23.86
CA ALA A 543 -17.01 1.56 24.85
C ALA A 543 -17.16 2.42 26.09
N GLU A 544 -16.92 3.71 25.93
CA GLU A 544 -17.11 4.67 27.04
C GLU A 544 -16.17 4.33 28.20
N ILE A 545 -15.08 3.61 27.92
CA ILE A 545 -14.11 3.38 28.98
C ILE A 545 -13.00 4.41 28.86
N ASP A 546 -12.72 5.12 29.96
CA ASP A 546 -11.80 6.24 29.93
C ASP A 546 -10.57 6.00 30.82
N VAL A 547 -10.21 4.74 31.00
CA VAL A 547 -8.96 4.40 31.71
C VAL A 547 -7.78 4.92 30.91
N PRO A 548 -6.82 5.59 31.53
CA PRO A 548 -5.67 6.13 30.78
C PRO A 548 -4.89 5.01 30.10
N CYS A 549 -4.65 5.17 28.79
CA CYS A 549 -3.92 4.21 27.98
C CYS A 549 -2.59 4.81 27.54
N ARG A 550 -1.54 3.99 27.55
CA ARG A 550 -0.23 4.40 27.08
C ARG A 550 0.28 3.37 26.08
N ASP A 551 0.81 3.84 24.94
CA ASP A 551 1.29 2.92 23.89
C ASP A 551 2.81 2.83 23.93
N VAL A 552 3.36 1.64 24.21
CA VAL A 552 4.84 1.45 24.21
C VAL A 552 5.22 0.55 23.02
N GLY A 553 6.06 1.05 22.12
CA GLY A 553 6.44 0.26 20.93
C GLY A 553 7.49 0.97 20.10
N LEU A 554 7.55 0.69 18.79
CA LEU A 554 8.61 1.27 17.93
C LEU A 554 8.23 2.71 17.52
N PRO A 555 9.21 3.61 17.34
CA PRO A 555 8.92 5.00 16.99
C PRO A 555 8.35 5.16 15.59
N GLN A 556 7.62 6.25 15.36
CA GLN A 556 7.02 6.52 14.01
C GLN A 556 8.04 7.22 13.12
N GLU A 557 9.24 6.64 12.98
CA GLU A 557 10.32 7.30 12.20
C GLU A 557 11.09 6.27 11.36
N PHE A 558 12.30 6.62 10.91
CA PHE A 558 13.12 5.70 10.10
C PHE A 558 14.56 5.82 10.55
N LEU A 568 18.44 -1.99 21.06
CA LEU A 568 17.11 -1.86 21.65
C LEU A 568 17.12 -0.93 22.85
N ALA A 569 18.31 -0.72 23.42
CA ALA A 569 18.41 0.17 24.57
C ALA A 569 18.25 1.63 24.15
N ASP A 570 18.65 1.98 22.93
CA ASP A 570 18.41 3.32 22.42
C ASP A 570 16.92 3.62 22.31
N LEU A 571 16.11 2.59 22.05
CA LEU A 571 14.67 2.75 21.92
C LEU A 571 13.95 2.73 23.26
N GLY A 572 14.67 2.45 24.35
CA GLY A 572 14.04 2.31 25.65
C GLY A 572 13.28 1.02 25.84
N LEU A 573 13.47 0.04 24.96
CA LEU A 573 12.76 -1.24 25.04
C LEU A 573 13.62 -2.26 25.77
N THR A 574 13.85 -1.97 27.05
CA THR A 574 14.42 -2.92 27.99
C THR A 574 13.58 -2.90 29.25
N ASP A 575 13.39 -4.07 29.85
CA ASP A 575 12.46 -4.20 30.97
C ASP A 575 12.78 -3.22 32.10
N GLN A 576 14.04 -2.83 32.24
CA GLN A 576 14.40 -1.87 33.27
C GLN A 576 13.83 -0.49 32.99
N ASP A 577 13.90 -0.05 31.73
CA ASP A 577 13.42 1.29 31.39
C ASP A 577 11.91 1.33 31.22
N VAL A 578 11.29 0.25 30.75
CA VAL A 578 9.83 0.23 30.66
C VAL A 578 9.21 0.22 32.05
N ALA A 579 9.89 -0.40 33.02
CA ALA A 579 9.44 -0.33 34.41
C ALA A 579 9.60 1.08 34.96
N ARG A 580 10.65 1.79 34.63
CA ARG A 580 10.73 3.16 35.09
C ARG A 580 9.57 3.91 34.52
N ARG A 581 9.39 3.86 33.23
CA ARG A 581 8.34 4.66 32.66
C ARG A 581 7.01 4.36 33.34
N ILE A 582 6.68 3.09 33.48
CA ILE A 582 5.40 2.77 34.08
C ILE A 582 5.33 3.27 35.52
N THR A 583 6.44 3.19 36.25
CA THR A 583 6.47 3.71 37.61
C THR A 583 6.15 5.20 37.64
N GLY A 584 6.72 5.97 36.72
CA GLY A 584 6.38 7.38 36.62
C GLY A 584 4.92 7.61 36.27
N TRP A 585 4.30 6.68 35.56
CA TRP A 585 2.90 6.82 35.19
C TRP A 585 1.98 6.47 36.36
N VAL A 586 2.29 5.39 37.08
CA VAL A 586 1.46 4.99 38.22
C VAL A 586 1.47 6.06 39.30
N ALA A 587 2.64 6.69 39.53
CA ALA A 587 2.77 7.65 40.63
C ALA A 587 1.82 8.84 40.44
N ALA A 588 1.68 9.32 39.21
CA ALA A 588 0.80 10.45 38.93
C ALA A 588 -0.68 10.10 39.05
N LEU A 589 -1.01 8.82 39.27
CA LEU A 589 -2.39 8.35 39.31
C LEU A 589 -2.93 8.22 40.73
N GLY A 590 -2.07 7.79 41.63
CA GLY A 590 -2.47 7.71 43.02
C GLY A 590 -2.67 6.35 43.61
N THR A 591 -3.42 6.32 44.70
CA THR A 591 -3.66 5.08 45.38
C THR A 591 -5.13 4.79 45.35
N GLY A 592 -5.49 3.55 45.65
CA GLY A 592 -6.89 3.17 45.63
C GLY A 592 -7.13 1.91 44.84
N VAL A 593 -8.38 1.46 44.81
CA VAL A 593 -8.73 0.29 44.04
C VAL A 593 -10.23 0.23 43.89
N GLY B 4 -39.11 -6.25 -28.86
CA GLY B 4 -38.98 -6.88 -27.56
C GLY B 4 -38.19 -8.19 -27.58
N MET B 5 -36.94 -8.12 -27.93
CA MET B 5 -36.18 -9.32 -27.98
C MET B 5 -35.45 -9.52 -26.69
N LEU B 6 -34.99 -8.44 -26.11
CA LEU B 6 -34.36 -8.57 -24.80
C LEU B 6 -35.33 -9.11 -23.76
N GLN B 7 -36.60 -8.73 -23.86
CA GLN B 7 -37.62 -9.21 -22.93
C GLN B 7 -37.86 -10.70 -23.04
N GLN B 8 -37.39 -11.35 -24.09
CA GLN B 8 -37.64 -12.76 -24.32
C GLN B 8 -36.49 -13.66 -23.85
N ILE B 9 -35.35 -13.09 -23.49
CA ILE B 9 -34.19 -13.89 -23.10
C ILE B 9 -34.39 -14.37 -21.67
N ARG B 10 -34.58 -15.67 -21.50
CA ARG B 10 -34.67 -16.27 -20.18
C ARG B 10 -33.31 -16.70 -19.65
N GLY B 11 -32.44 -17.17 -20.54
CA GLY B 11 -31.09 -17.53 -20.18
C GLY B 11 -30.16 -17.47 -21.38
N PRO B 12 -28.85 -17.51 -21.11
CA PRO B 12 -27.88 -17.46 -22.23
C PRO B 12 -28.07 -18.57 -23.26
N ALA B 13 -28.69 -19.69 -22.89
CA ALA B 13 -28.92 -20.76 -23.87
C ALA B 13 -30.02 -20.41 -24.86
N ASP B 14 -30.86 -19.42 -24.56
CA ASP B 14 -31.83 -18.95 -25.54
C ASP B 14 -31.17 -18.14 -26.64
N LEU B 15 -29.97 -17.60 -26.38
CA LEU B 15 -29.25 -16.85 -27.40
C LEU B 15 -28.67 -17.76 -28.48
N GLN B 16 -28.38 -19.01 -28.14
CA GLN B 16 -27.70 -19.91 -29.06
C GLN B 16 -28.57 -20.39 -30.20
N HIS B 17 -29.88 -20.16 -30.16
CA HIS B 17 -30.78 -20.60 -31.20
C HIS B 17 -31.24 -19.47 -32.11
N LEU B 18 -30.76 -18.26 -31.85
CA LEU B 18 -31.15 -17.09 -32.66
C LEU B 18 -30.35 -17.08 -33.96
N SER B 19 -30.76 -16.27 -34.93
CA SER B 19 -30.09 -16.23 -36.25
C SER B 19 -29.20 -15.01 -36.28
N GLN B 20 -28.47 -14.79 -37.37
CA GLN B 20 -27.54 -13.64 -37.34
C GLN B 20 -28.36 -12.37 -37.27
N ALA B 21 -29.47 -12.34 -37.98
CA ALA B 21 -30.25 -11.09 -38.03
C ALA B 21 -31.12 -10.98 -36.78
N GLN B 22 -31.47 -12.13 -36.20
CA GLN B 22 -32.23 -12.04 -34.92
C GLN B 22 -31.26 -11.42 -33.92
N LEU B 23 -29.98 -11.74 -34.07
CA LEU B 23 -28.94 -11.21 -33.16
C LEU B 23 -28.74 -9.71 -33.44
N ARG B 24 -28.75 -9.32 -34.71
CA ARG B 24 -28.63 -7.89 -35.03
C ARG B 24 -29.79 -7.17 -34.35
N GLU B 25 -30.97 -7.77 -34.38
CA GLU B 25 -32.16 -7.10 -33.78
C GLU B 25 -31.96 -6.99 -32.26
N LEU B 26 -31.52 -8.07 -31.64
CA LEU B 26 -31.29 -8.02 -30.18
C LEU B 26 -30.31 -6.89 -29.89
N ALA B 27 -29.26 -6.77 -30.67
CA ALA B 27 -28.20 -5.77 -30.43
C ALA B 27 -28.77 -4.36 -30.56
N ALA B 28 -29.59 -4.14 -31.58
CA ALA B 28 -30.24 -2.82 -31.76
C ALA B 28 -31.04 -2.49 -30.51
N GLU B 29 -31.86 -3.45 -30.09
CA GLU B 29 -32.72 -3.19 -28.92
C GLU B 29 -31.84 -2.91 -27.71
N ILE B 30 -30.73 -3.62 -27.55
CA ILE B 30 -29.87 -3.50 -26.34
C ILE B 30 -29.24 -2.10 -26.35
N ARG B 31 -28.80 -1.66 -27.51
CA ARG B 31 -28.22 -0.30 -27.63
C ARG B 31 -29.31 0.73 -27.25
N GLU B 32 -30.53 0.52 -27.75
CA GLU B 32 -31.61 1.51 -27.49
C GLU B 32 -31.95 1.50 -25.99
N PHE B 33 -31.84 0.35 -25.33
CA PHE B 33 -32.23 0.24 -23.91
C PHE B 33 -31.15 0.89 -23.10
N LEU B 34 -29.93 0.78 -23.61
CA LEU B 34 -28.82 1.47 -22.93
C LEU B 34 -29.12 2.96 -23.03
N ILE B 35 -29.55 3.41 -24.21
CA ILE B 35 -29.86 4.85 -24.43
C ILE B 35 -30.97 5.24 -23.45
N HIS B 36 -31.96 4.36 -23.27
CA HIS B 36 -33.10 4.66 -22.38
C HIS B 36 -32.59 4.82 -20.95
N LYS B 37 -31.77 3.89 -20.48
CA LYS B 37 -31.31 3.95 -19.07
C LYS B 37 -30.40 5.17 -18.91
N VAL B 38 -29.75 5.60 -19.98
CA VAL B 38 -28.96 6.86 -19.90
C VAL B 38 -29.89 7.91 -19.27
N ASN B 48 -19.19 1.21 -23.52
CA ASN B 48 -20.17 0.11 -23.32
C ASN B 48 -20.82 -0.29 -24.65
N LEU B 49 -21.20 0.67 -25.49
CA LEU B 49 -21.85 0.38 -26.79
C LEU B 49 -20.88 -0.41 -27.70
N GLY B 50 -19.60 -0.44 -27.35
CA GLY B 50 -18.63 -1.17 -28.14
C GLY B 50 -18.52 -2.63 -27.77
N VAL B 51 -18.93 -2.99 -26.56
CA VAL B 51 -18.81 -4.38 -26.10
C VAL B 51 -20.03 -5.21 -26.45
N VAL B 52 -21.03 -4.59 -27.08
CA VAL B 52 -22.27 -5.31 -27.38
C VAL B 52 -21.99 -6.63 -28.09
N GLU B 53 -21.31 -6.57 -29.23
CA GLU B 53 -21.02 -7.78 -29.99
C GLU B 53 -20.17 -8.74 -29.18
N LEU B 54 -19.16 -8.19 -28.49
CA LEU B 54 -18.28 -9.04 -27.70
C LEU B 54 -19.07 -9.80 -26.66
N THR B 55 -19.91 -9.10 -25.92
CA THR B 55 -20.72 -9.74 -24.89
C THR B 55 -21.60 -10.81 -25.50
N LEU B 56 -22.24 -10.47 -26.62
CA LEU B 56 -23.12 -11.43 -27.28
C LEU B 56 -22.34 -12.68 -27.65
N ALA B 57 -21.17 -12.50 -28.26
CA ALA B 57 -20.37 -13.64 -28.66
C ALA B 57 -20.00 -14.49 -27.45
N LEU B 58 -19.60 -13.83 -26.36
CA LEU B 58 -19.24 -14.55 -25.15
C LEU B 58 -20.41 -15.39 -24.67
N HIS B 59 -21.60 -14.82 -24.68
CA HIS B 59 -22.78 -15.54 -24.23
C HIS B 59 -23.07 -16.75 -25.11
N ARG B 60 -22.89 -16.61 -26.41
CA ARG B 60 -23.19 -17.72 -27.32
C ARG B 60 -22.03 -18.69 -27.48
N VAL B 61 -20.86 -18.37 -26.94
CA VAL B 61 -19.74 -19.30 -26.92
C VAL B 61 -19.50 -19.90 -25.55
N PHE B 62 -19.77 -19.17 -24.47
CA PHE B 62 -19.57 -19.65 -23.11
C PHE B 62 -20.87 -19.60 -22.33
N ASP B 63 -21.11 -20.63 -21.51
CA ASP B 63 -22.25 -20.60 -20.59
C ASP B 63 -21.85 -19.85 -19.35
N SER B 64 -22.49 -18.70 -19.10
CA SER B 64 -22.11 -17.84 -17.94
C SER B 64 -21.92 -18.68 -16.66
N PRO B 65 -22.90 -19.49 -16.20
CA PRO B 65 -22.75 -20.21 -14.93
C PRO B 65 -21.55 -21.16 -14.88
N HIS B 66 -21.35 -21.98 -15.91
CA HIS B 66 -20.26 -22.98 -15.90
C HIS B 66 -18.93 -22.33 -16.30
N ASP B 67 -18.99 -21.37 -17.24
CA ASP B 67 -17.78 -20.71 -17.71
C ASP B 67 -17.70 -19.33 -17.10
N PRO B 68 -16.86 -19.10 -16.10
CA PRO B 68 -16.86 -17.81 -15.40
C PRO B 68 -16.26 -16.69 -16.26
N ILE B 69 -17.10 -15.70 -16.58
CA ILE B 69 -16.68 -14.52 -17.33
C ILE B 69 -16.55 -13.36 -16.34
N ILE B 70 -15.34 -12.84 -16.19
CA ILE B 70 -15.06 -11.77 -15.24
C ILE B 70 -14.59 -10.54 -15.98
N PHE B 71 -15.23 -9.41 -15.71
CA PHE B 71 -14.87 -8.11 -16.26
C PHE B 71 -14.04 -7.33 -15.23
N ASP B 72 -13.12 -6.54 -15.77
CA ASP B 72 -12.24 -5.70 -14.93
C ASP B 72 -13.00 -4.46 -14.47
N THR B 73 -13.87 -3.94 -15.32
CA THR B 73 -14.63 -2.74 -14.97
C THR B 73 -16.10 -3.03 -15.03
N GLY B 74 -16.89 -2.24 -14.31
CA GLY B 74 -18.33 -2.52 -14.24
C GLY B 74 -19.05 -2.05 -15.48
N HIS B 75 -18.34 -1.35 -16.37
CA HIS B 75 -19.04 -0.79 -17.55
C HIS B 75 -19.38 -1.92 -18.53
N GLN B 76 -18.39 -2.72 -18.88
CA GLN B 76 -18.62 -3.80 -19.86
C GLN B 76 -19.65 -4.76 -19.28
N ALA B 77 -19.76 -4.79 -17.97
CA ALA B 77 -20.64 -5.77 -17.31
C ALA B 77 -22.10 -5.47 -17.58
N TYR B 78 -22.42 -4.28 -18.07
CA TYR B 78 -23.85 -3.92 -18.18
C TYR B 78 -24.58 -4.91 -19.05
N VAL B 79 -24.07 -5.18 -20.24
CA VAL B 79 -24.85 -6.05 -21.15
C VAL B 79 -24.78 -7.46 -20.58
N HIS B 80 -23.64 -7.83 -20.02
CA HIS B 80 -23.59 -9.15 -19.35
C HIS B 80 -24.72 -9.19 -18.35
N LYS B 81 -24.81 -8.14 -17.56
CA LYS B 81 -25.85 -8.08 -16.52
C LYS B 81 -27.22 -8.28 -17.16
N MET B 82 -27.59 -7.39 -18.06
CA MET B 82 -28.95 -7.44 -18.64
C MET B 82 -29.31 -8.83 -19.14
N LEU B 83 -28.33 -9.62 -19.56
CA LEU B 83 -28.66 -10.93 -20.18
C LEU B 83 -28.63 -12.03 -19.10
N HIS B 117 -8.08 -2.49 -8.11
CA HIS B 117 -9.34 -3.00 -8.64
C HIS B 117 -9.30 -3.13 -10.17
N ALA B 118 -8.66 -2.18 -10.83
CA ALA B 118 -8.50 -2.25 -12.28
C ALA B 118 -7.37 -3.21 -12.65
N SER B 119 -7.50 -3.82 -13.83
CA SER B 119 -6.60 -4.87 -14.31
C SER B 119 -6.48 -6.04 -13.33
N ALA B 120 -7.46 -6.20 -12.43
CA ALA B 120 -7.44 -7.29 -11.47
C ALA B 120 -8.11 -8.55 -12.00
N ALA B 121 -8.91 -8.44 -13.06
CA ALA B 121 -9.60 -9.61 -13.60
C ALA B 121 -8.63 -10.71 -14.00
N LEU B 122 -7.41 -10.34 -14.38
CA LEU B 122 -6.41 -11.34 -14.74
C LEU B 122 -6.08 -12.25 -13.57
N SER B 123 -5.76 -11.66 -12.42
CA SER B 123 -5.32 -12.45 -11.28
C SER B 123 -6.48 -13.24 -10.65
N TYR B 124 -7.69 -12.68 -10.67
CA TYR B 124 -8.87 -13.48 -10.33
C TYR B 124 -8.99 -14.68 -11.26
N ALA B 125 -8.84 -14.46 -12.57
CA ALA B 125 -8.95 -15.53 -13.54
C ALA B 125 -7.89 -16.61 -13.30
N ASP B 126 -6.67 -16.20 -12.95
CA ASP B 126 -5.61 -17.16 -12.68
C ASP B 126 -6.00 -18.06 -11.51
N GLY B 127 -6.31 -17.46 -10.36
CA GLY B 127 -6.65 -18.26 -9.19
C GLY B 127 -7.91 -19.09 -9.38
N LEU B 128 -8.89 -18.56 -10.11
CA LEU B 128 -10.11 -19.32 -10.38
C LEU B 128 -9.82 -20.55 -11.24
N ALA B 129 -8.92 -20.42 -12.21
CA ALA B 129 -8.55 -21.58 -13.02
C ALA B 129 -7.81 -22.62 -12.18
N LYS B 130 -6.97 -22.16 -11.25
CA LYS B 130 -6.29 -23.07 -10.33
C LYS B 130 -7.29 -23.77 -9.42
N ALA B 131 -8.21 -23.01 -8.81
CA ALA B 131 -9.24 -23.61 -7.98
C ALA B 131 -10.04 -24.66 -8.74
N PHE B 132 -10.25 -24.45 -10.05
CA PHE B 132 -10.93 -25.47 -10.84
C PHE B 132 -10.05 -26.70 -11.04
N GLU B 133 -8.75 -26.49 -11.24
CA GLU B 133 -7.84 -27.61 -11.41
C GLU B 133 -7.78 -28.48 -10.15
N LEU B 134 -7.74 -27.86 -8.97
CA LEU B 134 -7.59 -28.59 -7.73
C LEU B 134 -8.88 -29.25 -7.26
N THR B 135 -10.03 -28.76 -7.72
CA THR B 135 -11.34 -29.29 -7.24
C THR B 135 -11.98 -30.22 -8.23
N GLY B 136 -11.32 -30.54 -9.35
CA GLY B 136 -11.85 -31.55 -10.27
C GLY B 136 -12.85 -31.05 -11.29
N HIS B 137 -12.87 -29.76 -11.55
CA HIS B 137 -13.76 -29.24 -12.61
C HIS B 137 -12.99 -28.18 -13.39
N ARG B 138 -11.98 -28.60 -14.16
CA ARG B 138 -11.15 -27.63 -14.93
C ARG B 138 -11.82 -27.43 -16.31
N ASN B 139 -12.90 -28.17 -16.59
CA ASN B 139 -13.69 -28.05 -17.85
C ASN B 139 -14.35 -26.67 -17.92
N ARG B 140 -14.63 -26.02 -16.79
CA ARG B 140 -15.10 -24.61 -16.73
C ARG B 140 -14.06 -23.72 -17.44
N HIS B 141 -14.49 -22.92 -18.42
CA HIS B 141 -13.53 -21.98 -19.05
C HIS B 141 -13.61 -20.61 -18.40
N VAL B 142 -12.50 -20.16 -17.82
CA VAL B 142 -12.48 -18.84 -17.20
C VAL B 142 -12.05 -17.83 -18.26
N VAL B 143 -12.83 -16.77 -18.41
CA VAL B 143 -12.59 -15.75 -19.40
C VAL B 143 -12.43 -14.42 -18.68
N ALA B 144 -11.28 -13.80 -18.86
CA ALA B 144 -10.97 -12.50 -18.27
C ALA B 144 -11.04 -11.47 -19.39
N VAL B 145 -12.14 -10.73 -19.45
CA VAL B 145 -12.31 -9.68 -20.45
C VAL B 145 -11.86 -8.35 -19.86
N VAL B 146 -10.93 -7.71 -20.53
CA VAL B 146 -10.31 -6.52 -20.02
C VAL B 146 -10.23 -5.43 -21.06
N GLY B 147 -10.09 -4.21 -20.60
CA GLY B 147 -10.02 -3.09 -21.50
C GLY B 147 -8.63 -2.55 -21.69
N ASP B 148 -8.42 -1.88 -22.79
CA ASP B 148 -7.09 -1.40 -23.09
C ASP B 148 -6.57 -0.56 -21.98
N GLY B 149 -5.29 -0.67 -21.74
CA GLY B 149 -4.70 0.19 -20.77
C GLY B 149 -4.55 -0.54 -19.49
N ALA B 150 -5.35 -1.55 -19.34
CA ALA B 150 -5.21 -2.33 -18.18
C ALA B 150 -3.91 -3.03 -18.41
N LEU B 151 -3.35 -2.84 -19.59
CA LEU B 151 -2.11 -3.49 -19.93
C LEU B 151 -0.87 -2.68 -19.58
N THR B 152 -1.06 -1.45 -19.15
CA THR B 152 0.04 -0.62 -18.80
C THR B 152 0.26 -0.79 -17.34
N GLY B 153 -0.76 -1.18 -16.65
CA GLY B 153 -0.70 -1.39 -15.21
C GLY B 153 0.19 -2.56 -14.88
N GLY B 154 1.14 -2.34 -13.97
CA GLY B 154 2.10 -3.38 -13.62
C GLY B 154 1.48 -4.61 -12.98
N MET B 155 0.27 -4.48 -12.43
CA MET B 155 -0.40 -5.64 -11.86
C MET B 155 -0.79 -6.64 -12.93
N CYS B 156 -1.07 -6.15 -14.15
CA CYS B 156 -1.45 -7.06 -15.23
C CYS B 156 -0.26 -7.89 -15.69
N TRP B 157 0.92 -7.28 -15.84
CA TRP B 157 2.10 -8.03 -16.26
C TRP B 157 2.50 -9.08 -15.23
N GLU B 158 2.20 -8.84 -13.95
CA GLU B 158 2.44 -9.86 -12.95
C GLU B 158 1.58 -11.09 -13.20
N ALA B 159 0.33 -10.88 -13.62
CA ALA B 159 -0.57 -12.00 -13.88
C ALA B 159 -0.33 -12.60 -15.26
N LEU B 160 0.01 -11.77 -16.26
CA LEU B 160 0.28 -12.29 -17.58
C LEU B 160 1.50 -13.22 -17.56
N ASN B 161 2.53 -12.84 -16.81
CA ASN B 161 3.70 -13.71 -16.66
C ASN B 161 3.34 -15.04 -16.01
N ASN B 162 2.31 -15.03 -15.18
CA ASN B 162 2.01 -16.26 -14.41
C ASN B 162 0.99 -17.11 -15.16
N ILE B 163 0.08 -16.49 -15.91
CA ILE B 163 -0.83 -17.26 -16.75
C ILE B 163 -0.07 -17.94 -17.88
N ALA B 164 0.90 -17.22 -18.47
CA ALA B 164 1.72 -17.76 -19.54
C ALA B 164 2.66 -18.86 -19.08
N ALA B 165 2.81 -19.06 -17.77
CA ALA B 165 3.69 -20.07 -17.22
C ALA B 165 3.00 -21.41 -16.97
N SER B 166 1.71 -21.53 -17.30
CA SER B 166 0.96 -22.74 -17.04
C SER B 166 0.10 -23.08 -18.25
N ARG B 167 -0.36 -24.34 -18.29
CA ARG B 167 -1.23 -24.83 -19.34
C ARG B 167 -2.71 -24.76 -18.98
N ARG B 168 -3.04 -24.15 -17.84
CA ARG B 168 -4.43 -23.96 -17.47
C ARG B 168 -5.10 -23.02 -18.47
N PRO B 169 -6.19 -23.43 -19.12
CA PRO B 169 -6.83 -22.56 -20.13
C PRO B 169 -7.42 -21.29 -19.53
N VAL B 170 -6.80 -20.15 -19.81
CA VAL B 170 -7.31 -18.85 -19.41
C VAL B 170 -7.43 -18.00 -20.67
N ILE B 171 -8.66 -17.62 -21.00
CA ILE B 171 -8.95 -16.84 -22.21
C ILE B 171 -9.03 -15.37 -21.79
N ILE B 172 -8.01 -14.60 -22.15
CA ILE B 172 -7.97 -13.17 -21.86
C ILE B 172 -8.42 -12.42 -23.10
N VAL B 173 -9.58 -11.76 -23.01
CA VAL B 173 -10.10 -10.95 -24.11
C VAL B 173 -9.75 -9.50 -23.82
N VAL B 174 -8.80 -8.95 -24.56
CA VAL B 174 -8.42 -7.55 -24.39
C VAL B 174 -9.27 -6.71 -25.33
N ASN B 175 -10.05 -5.77 -24.79
CA ASN B 175 -10.91 -4.89 -25.61
C ASN B 175 -10.22 -3.55 -25.84
N ASP B 176 -9.57 -3.38 -26.99
CA ASP B 176 -8.94 -2.07 -27.32
C ASP B 176 -10.05 -1.14 -27.84
N ASN B 177 -10.17 0.05 -27.27
CA ASN B 177 -11.28 0.96 -27.66
C ASN B 177 -10.93 1.60 -29.00
N GLY B 178 -9.65 1.67 -29.37
CA GLY B 178 -9.24 2.07 -30.71
C GLY B 178 -8.72 0.88 -31.51
N GLN B 202 0.51 -7.19 -29.60
CA GLN B 202 0.40 -7.92 -30.85
C GLN B 202 1.58 -8.89 -31.01
N LEU B 203 2.74 -8.45 -30.52
CA LEU B 203 3.94 -9.28 -30.49
C LEU B 203 4.38 -9.60 -29.08
N LEU B 204 4.18 -8.68 -28.13
CA LEU B 204 4.49 -8.94 -26.73
C LEU B 204 3.82 -10.22 -26.25
N PHE B 205 2.55 -10.41 -26.62
CA PHE B 205 1.83 -11.60 -26.18
C PHE B 205 2.41 -12.87 -26.78
N THR B 206 2.91 -12.80 -28.02
CA THR B 206 3.50 -13.96 -28.66
C THR B 206 4.81 -14.36 -27.99
N ASP B 207 5.62 -13.36 -27.63
CA ASP B 207 6.93 -13.63 -26.98
C ASP B 207 6.69 -13.89 -25.49
N LEU B 208 5.46 -13.63 -25.01
CA LEU B 208 5.13 -13.92 -23.60
C LEU B 208 4.72 -15.40 -23.50
N GLY B 209 4.50 -16.05 -24.65
CA GLY B 209 4.06 -17.47 -24.65
C GLY B 209 2.55 -17.56 -24.63
N LEU B 210 1.87 -16.51 -25.08
CA LEU B 210 0.39 -16.49 -25.09
C LEU B 210 -0.13 -16.37 -26.52
N LYS B 211 -0.82 -17.40 -27.03
CA LYS B 211 -1.40 -17.29 -28.34
C LYS B 211 -2.21 -16.04 -28.44
N TYR B 212 -2.19 -15.41 -29.61
CA TYR B 212 -2.94 -14.17 -29.85
C TYR B 212 -3.79 -14.41 -31.06
N VAL B 213 -5.08 -14.12 -30.98
CA VAL B 213 -5.99 -14.45 -32.10
C VAL B 213 -5.75 -13.45 -33.23
N GLY B 214 -5.95 -12.15 -33.00
CA GLY B 214 -5.60 -11.23 -34.09
C GLY B 214 -6.41 -9.98 -34.00
N PRO B 215 -6.10 -8.91 -34.74
CA PRO B 215 -6.97 -7.77 -34.66
C PRO B 215 -8.35 -8.16 -35.15
N VAL B 216 -9.30 -8.36 -34.23
CA VAL B 216 -10.68 -8.78 -34.60
C VAL B 216 -11.61 -7.56 -34.52
N ASP B 217 -12.42 -7.36 -35.56
CA ASP B 217 -13.38 -6.23 -35.56
C ASP B 217 -14.44 -6.51 -34.50
N GLY B 218 -14.63 -5.55 -33.60
CA GLY B 218 -15.57 -5.73 -32.54
C GLY B 218 -17.01 -5.53 -32.86
N HIS B 219 -17.28 -4.91 -33.98
CA HIS B 219 -18.67 -4.79 -34.39
C HIS B 219 -19.10 -5.89 -35.36
N ASP B 220 -18.21 -6.84 -35.64
CA ASP B 220 -18.56 -8.06 -36.35
C ASP B 220 -18.85 -9.11 -35.28
N GLU B 221 -20.13 -9.37 -35.03
CA GLU B 221 -20.49 -10.38 -34.04
C GLU B 221 -19.98 -11.76 -34.46
N ARG B 222 -20.05 -12.06 -35.76
N ARG B 222 -19.95 -12.01 -35.77
CA ARG B 222 -19.55 -13.34 -36.25
CA ARG B 222 -19.53 -13.35 -36.24
C ARG B 222 -18.04 -13.47 -36.03
C ARG B 222 -18.03 -13.48 -36.10
N ALA B 223 -17.30 -12.39 -36.29
CA ALA B 223 -15.84 -12.47 -36.21
C ALA B 223 -15.38 -12.74 -34.79
N VAL B 224 -16.05 -12.11 -33.82
CA VAL B 224 -15.70 -12.33 -32.41
C VAL B 224 -16.02 -13.76 -32.00
N GLU B 225 -17.18 -14.28 -32.43
CA GLU B 225 -17.55 -15.65 -32.10
C GLU B 225 -16.54 -16.65 -32.65
N VAL B 226 -16.10 -16.44 -33.90
CA VAL B 226 -15.09 -17.32 -34.51
C VAL B 226 -13.80 -17.27 -33.72
N ALA B 227 -13.44 -16.08 -33.22
CA ALA B 227 -12.20 -15.94 -32.46
C ALA B 227 -12.32 -16.62 -31.09
N LEU B 228 -13.50 -16.52 -30.45
CA LEU B 228 -13.65 -17.11 -29.11
C LEU B 228 -13.70 -18.63 -29.17
N ARG B 229 -14.34 -19.18 -30.20
CA ARG B 229 -14.36 -20.63 -30.36
C ARG B 229 -12.98 -21.17 -30.72
N SER B 230 -12.17 -20.36 -31.42
CA SER B 230 -10.80 -20.76 -31.69
C SER B 230 -9.93 -20.71 -30.44
N ALA B 231 -10.22 -19.77 -29.53
CA ALA B 231 -9.45 -19.66 -28.29
C ALA B 231 -9.83 -20.78 -27.31
N ARG B 232 -11.12 -21.11 -27.24
CA ARG B 232 -11.57 -22.23 -26.41
C ARG B 232 -11.09 -23.56 -26.96
N ARG B 233 -10.61 -23.60 -28.18
CA ARG B 233 -10.14 -24.84 -28.79
C ARG B 233 -8.66 -25.01 -28.63
N PHE B 234 -8.00 -24.01 -28.13
CA PHE B 234 -6.54 -24.07 -28.05
C PHE B 234 -6.07 -24.93 -26.88
N GLY B 235 -6.80 -24.94 -25.77
CA GLY B 235 -6.41 -25.73 -24.62
C GLY B 235 -5.24 -25.16 -23.84
N ALA B 236 -4.92 -23.89 -24.06
CA ALA B 236 -3.80 -23.23 -23.39
C ALA B 236 -4.16 -21.77 -23.24
N PRO B 237 -3.46 -21.04 -22.36
CA PRO B 237 -3.67 -19.58 -22.26
C PRO B 237 -3.57 -18.90 -23.61
N VAL B 238 -4.55 -18.06 -23.92
CA VAL B 238 -4.69 -17.43 -25.22
C VAL B 238 -5.22 -16.02 -25.05
N ILE B 239 -4.70 -15.10 -25.86
CA ILE B 239 -5.16 -13.72 -25.85
C ILE B 239 -6.04 -13.49 -27.07
N VAL B 240 -7.21 -12.89 -26.87
CA VAL B 240 -8.09 -12.51 -27.97
C VAL B 240 -8.19 -10.99 -27.98
N HIS B 241 -7.67 -10.38 -29.05
CA HIS B 241 -7.59 -8.94 -29.19
C HIS B 241 -8.73 -8.43 -30.06
N VAL B 242 -9.50 -7.48 -29.54
CA VAL B 242 -10.72 -7.00 -30.18
C VAL B 242 -10.68 -5.48 -30.23
N VAL B 243 -10.64 -4.91 -31.45
CA VAL B 243 -10.72 -3.46 -31.64
C VAL B 243 -12.19 -3.08 -31.78
N THR B 244 -12.57 -1.97 -31.15
CA THR B 244 -13.98 -1.61 -31.07
C THR B 244 -14.23 -0.18 -31.51
N VAL B 280 -15.68 27.84 -7.60
CA VAL B 280 -17.03 27.36 -7.30
C VAL B 280 -17.04 25.89 -6.88
N GLY B 281 -16.20 25.09 -7.53
CA GLY B 281 -16.06 23.68 -7.19
C GLY B 281 -14.76 23.40 -6.47
N TRP B 282 -14.69 22.27 -5.77
CA TRP B 282 -13.46 21.89 -5.08
C TRP B 282 -12.31 21.70 -6.07
N THR B 283 -12.55 20.93 -7.12
CA THR B 283 -11.52 20.68 -8.12
C THR B 283 -11.18 21.93 -8.92
N ALA B 284 -12.17 22.77 -9.20
CA ALA B 284 -11.92 24.00 -9.95
C ALA B 284 -11.08 24.98 -9.14
N THR B 285 -11.38 25.13 -7.84
CA THR B 285 -10.60 26.03 -7.01
C THR B 285 -9.16 25.56 -6.90
N PHE B 286 -8.93 24.25 -6.88
CA PHE B 286 -7.58 23.71 -6.85
C PHE B 286 -6.82 24.04 -8.12
N SER B 287 -7.48 23.89 -9.28
CA SER B 287 -6.79 24.14 -10.55
C SER B 287 -6.36 25.59 -10.67
N ASP B 288 -7.23 26.53 -10.29
CA ASP B 288 -6.87 27.94 -10.38
C ASP B 288 -5.73 28.29 -9.42
N ALA B 289 -5.75 27.69 -8.22
CA ALA B 289 -4.71 28.00 -7.24
C ALA B 289 -3.36 27.45 -7.70
N LEU B 290 -3.33 26.20 -8.15
CA LEU B 290 -2.09 25.60 -8.63
C LEU B 290 -1.54 26.35 -9.84
N ILE B 291 -2.41 26.64 -10.83
CA ILE B 291 -1.97 27.39 -12.00
C ILE B 291 -1.47 28.77 -11.60
N GLY B 292 -2.08 29.37 -10.59
CA GLY B 292 -1.60 30.65 -10.10
C GLY B 292 -0.29 30.54 -9.36
N TYR B 293 -0.08 29.43 -8.64
CA TYR B 293 1.18 29.23 -7.94
C TYR B 293 2.29 28.84 -8.90
N ALA B 294 1.96 28.13 -9.98
CA ALA B 294 2.95 27.71 -10.97
C ALA B 294 3.40 28.84 -11.87
N GLN B 295 2.59 29.88 -12.05
CA GLN B 295 3.01 31.03 -12.82
C GLN B 295 4.10 31.84 -12.13
N LYS B 296 4.34 31.62 -10.84
CA LYS B 296 5.39 32.32 -10.11
C LYS B 296 6.53 31.39 -9.70
N ARG B 297 6.49 30.13 -10.14
CA ARG B 297 7.49 29.15 -9.72
C ARG B 297 7.79 28.20 -10.87
N ARG B 298 9.06 28.10 -11.24
CA ARG B 298 9.48 27.25 -12.34
C ARG B 298 9.55 25.77 -11.94
N ASP B 299 9.68 25.47 -10.65
CA ASP B 299 9.99 24.12 -10.19
C ASP B 299 8.77 23.22 -10.02
N ILE B 300 7.56 23.70 -10.34
CA ILE B 300 6.35 22.94 -10.06
C ILE B 300 5.98 22.14 -11.30
N VAL B 301 5.82 20.82 -11.11
CA VAL B 301 5.34 19.94 -12.16
C VAL B 301 4.17 19.14 -11.59
N ALA B 302 3.37 18.58 -12.48
CA ALA B 302 2.19 17.82 -12.03
C ALA B 302 2.12 16.47 -12.74
N ILE B 303 1.70 15.44 -12.02
CA ILE B 303 1.68 14.07 -12.59
C ILE B 303 0.37 13.38 -12.22
N THR B 304 -0.37 12.87 -13.20
CA THR B 304 -1.64 12.18 -12.96
C THR B 304 -1.47 10.76 -13.40
N ALA B 305 -2.46 9.93 -13.15
CA ALA B 305 -2.39 8.51 -13.56
C ALA B 305 -3.60 8.19 -14.42
N ALA B 306 -3.70 8.80 -15.61
CA ALA B 306 -4.80 8.55 -16.57
C ALA B 306 -6.08 9.24 -16.12
N MET B 307 -5.95 10.15 -15.15
CA MET B 307 -7.13 10.92 -14.70
C MET B 307 -6.73 12.40 -14.65
N PRO B 308 -6.52 13.07 -15.80
CA PRO B 308 -6.04 14.44 -15.77
C PRO B 308 -7.15 15.47 -15.66
N GLY B 309 -8.31 15.15 -16.21
CA GLY B 309 -9.44 16.08 -16.17
C GLY B 309 -10.23 15.91 -14.91
N PRO B 310 -10.63 14.68 -14.53
CA PRO B 310 -11.30 14.47 -13.26
C PRO B 310 -10.53 15.06 -12.10
N THR B 311 -9.24 15.37 -12.29
CA THR B 311 -8.39 15.92 -11.22
C THR B 311 -8.09 17.37 -11.47
N GLY B 312 -8.65 17.94 -12.52
CA GLY B 312 -8.47 19.38 -12.75
C GLY B 312 -7.02 19.72 -13.01
N LEU B 313 -6.26 18.75 -13.53
CA LEU B 313 -4.86 19.03 -13.91
C LEU B 313 -4.78 19.27 -15.42
N THR B 314 -5.89 19.06 -16.13
CA THR B 314 -5.95 19.31 -17.58
C THR B 314 -5.78 20.79 -17.83
N ALA B 315 -6.53 21.63 -17.13
CA ALA B 315 -6.28 23.05 -17.32
C ALA B 315 -4.83 23.41 -17.04
N PHE B 316 -4.17 22.68 -16.13
CA PHE B 316 -2.76 22.92 -15.88
C PHE B 316 -1.92 22.55 -17.09
N GLY B 317 -2.29 21.48 -17.79
CA GLY B 317 -1.53 21.07 -18.96
C GLY B 317 -1.79 21.94 -20.17
N GLN B 318 -2.96 22.59 -20.24
CA GLN B 318 -3.23 23.48 -21.36
C GLN B 318 -2.39 24.75 -21.28
N ARG B 319 -2.02 25.16 -20.07
CA ARG B 319 -1.13 26.33 -19.93
C ARG B 319 0.32 25.84 -19.92
N PHE B 320 0.62 24.84 -19.09
CA PHE B 320 1.96 24.27 -19.13
C PHE B 320 1.93 22.87 -19.72
N PRO B 321 2.12 22.71 -21.04
CA PRO B 321 2.10 21.35 -21.61
C PRO B 321 3.37 20.58 -21.33
N ASP B 322 4.48 21.27 -21.03
CA ASP B 322 5.75 20.62 -20.76
C ASP B 322 5.84 20.07 -19.35
N ARG B 323 4.89 20.39 -18.48
CA ARG B 323 4.97 20.06 -17.07
C ARG B 323 3.79 19.20 -16.59
N LEU B 324 3.05 18.60 -17.50
CA LEU B 324 1.95 17.69 -17.16
C LEU B 324 2.28 16.31 -17.71
N PHE B 325 2.54 15.40 -16.81
CA PHE B 325 2.89 14.08 -17.20
C PHE B 325 1.84 13.10 -16.81
N ASP B 326 1.31 12.37 -17.80
CA ASP B 326 0.30 11.32 -17.51
C ASP B 326 0.96 9.95 -17.70
N VAL B 327 1.00 9.13 -16.65
CA VAL B 327 1.69 7.80 -16.72
C VAL B 327 0.65 6.71 -17.00
N GLY B 328 -0.61 7.09 -17.23
CA GLY B 328 -1.68 6.08 -17.41
C GLY B 328 -1.86 5.28 -16.14
N ILE B 329 -2.21 4.00 -16.24
CA ILE B 329 -2.33 3.15 -15.03
C ILE B 329 -0.91 2.77 -14.56
N ALA B 330 -0.30 3.62 -13.73
CA ALA B 330 1.07 3.35 -13.23
C ALA B 330 1.28 4.12 -11.93
N GLU B 331 0.30 4.07 -11.02
CA GLU B 331 0.38 4.85 -9.76
C GLU B 331 1.74 4.59 -9.08
N GLN B 332 2.16 3.33 -9.02
CA GLN B 332 3.46 2.98 -8.36
C GLN B 332 4.59 3.78 -9.03
N HIS B 333 4.70 3.69 -10.35
CA HIS B 333 5.77 4.43 -11.07
C HIS B 333 5.48 5.92 -11.03
N ALA B 334 4.22 6.29 -11.07
CA ALA B 334 4.00 7.73 -10.95
C ALA B 334 4.57 8.29 -9.65
N MET B 335 4.54 7.52 -8.57
CA MET B 335 5.05 8.00 -7.30
C MET B 335 6.58 8.09 -7.30
N THR B 336 7.24 6.99 -7.66
CA THR B 336 8.70 6.99 -7.65
C THR B 336 9.27 7.92 -8.71
N SER B 337 8.62 8.03 -9.87
CA SER B 337 9.09 9.01 -10.84
C SER B 337 8.93 10.43 -10.31
N ALA B 338 7.88 10.68 -9.51
CA ALA B 338 7.77 11.97 -8.82
C ALA B 338 8.91 12.16 -7.82
N ALA B 339 9.32 11.08 -7.15
CA ALA B 339 10.52 11.16 -6.33
C ALA B 339 11.74 11.52 -7.18
N GLY B 340 11.82 10.96 -8.38
CA GLY B 340 12.92 11.33 -9.28
C GLY B 340 12.91 12.80 -9.63
N LEU B 341 11.75 13.35 -9.99
CA LEU B 341 11.67 14.77 -10.30
C LEU B 341 12.03 15.63 -9.09
N ALA B 342 11.73 15.17 -7.88
CA ALA B 342 12.07 15.94 -6.68
C ALA B 342 13.56 15.91 -6.41
N MET B 343 14.22 14.81 -6.81
CA MET B 343 15.69 14.71 -6.66
C MET B 343 16.33 15.60 -7.74
N GLY B 344 15.54 16.03 -8.72
CA GLY B 344 16.05 16.91 -9.79
C GLY B 344 15.90 18.36 -9.40
N GLY B 345 15.57 18.62 -8.13
CA GLY B 345 15.42 20.01 -7.64
C GLY B 345 14.05 20.57 -7.97
N LEU B 346 13.09 19.71 -8.32
CA LEU B 346 11.74 20.17 -8.72
C LEU B 346 10.72 19.83 -7.62
N HIS B 347 9.52 20.40 -7.67
CA HIS B 347 8.46 20.07 -6.69
C HIS B 347 7.29 19.41 -7.42
N PRO B 348 7.13 18.08 -7.32
CA PRO B 348 6.07 17.37 -8.02
C PRO B 348 4.72 17.42 -7.31
N VAL B 349 3.67 17.80 -8.04
CA VAL B 349 2.33 17.83 -7.47
C VAL B 349 1.57 16.68 -8.11
N VAL B 350 1.34 15.63 -7.37
CA VAL B 350 0.64 14.47 -7.89
C VAL B 350 -0.84 14.60 -7.56
N ALA B 351 -1.69 14.12 -8.45
CA ALA B 351 -3.14 14.13 -8.25
C ALA B 351 -3.60 12.69 -8.02
N ILE B 352 -3.86 12.35 -6.77
CA ILE B 352 -4.21 11.00 -6.35
C ILE B 352 -5.68 10.99 -5.93
N TYR B 353 -6.43 10.05 -6.49
CA TYR B 353 -7.73 9.71 -5.92
C TYR B 353 -7.54 8.74 -4.77
N SER B 354 -8.26 8.97 -3.67
CA SER B 354 -7.92 8.33 -2.39
C SER B 354 -7.90 6.81 -2.50
N THR B 355 -8.83 6.23 -3.24
CA THR B 355 -8.90 4.78 -3.34
C THR B 355 -7.76 4.17 -4.15
N PHE B 356 -6.95 4.99 -4.83
CA PHE B 356 -5.79 4.50 -5.57
C PHE B 356 -4.48 4.81 -4.85
N LEU B 357 -4.54 5.48 -3.70
CA LEU B 357 -3.35 5.71 -2.89
C LEU B 357 -2.84 4.42 -2.26
N ASN B 358 -3.69 3.39 -2.15
CA ASN B 358 -3.24 2.11 -1.60
C ASN B 358 -2.18 1.47 -2.48
N ARG B 359 -2.35 1.56 -3.80
CA ARG B 359 -1.41 0.92 -4.71
C ARG B 359 -0.03 1.57 -4.65
N ALA B 360 0.02 2.86 -4.30
CA ALA B 360 1.27 3.59 -4.24
C ALA B 360 1.80 3.74 -2.83
N PHE B 361 1.22 3.03 -1.85
CA PHE B 361 1.57 3.29 -0.46
C PHE B 361 3.03 2.96 -0.18
N ASP B 362 3.51 1.83 -0.69
CA ASP B 362 4.90 1.46 -0.46
C ASP B 362 5.86 2.43 -1.13
N GLN B 363 5.44 3.05 -2.23
CA GLN B 363 6.28 4.03 -2.91
C GLN B 363 6.30 5.34 -2.15
N ILE B 364 5.17 5.72 -1.54
CA ILE B 364 5.15 6.89 -0.66
C ILE B 364 6.04 6.66 0.55
N MET B 365 6.01 5.46 1.12
CA MET B 365 6.78 5.16 2.32
C MET B 365 8.28 5.21 2.06
N MET B 366 8.77 4.32 1.20
CA MET B 366 10.20 4.12 1.01
C MET B 366 10.83 5.07 0.01
N ASP B 367 10.10 5.39 -1.06
CA ASP B 367 10.72 6.20 -2.15
C ASP B 367 10.63 7.70 -1.86
N VAL B 368 9.62 8.14 -1.08
CA VAL B 368 9.44 9.60 -0.84
C VAL B 368 9.72 9.92 0.63
N ALA B 369 8.94 9.35 1.55
CA ALA B 369 9.08 9.68 2.98
C ALA B 369 10.51 9.40 3.47
N LEU B 370 11.02 8.19 3.22
CA LEU B 370 12.33 7.82 3.75
C LEU B 370 13.41 8.77 3.22
N HIS B 371 13.29 9.20 1.97
CA HIS B 371 14.23 10.12 1.36
C HIS B 371 13.93 11.58 1.65
N LYS B 372 12.86 11.88 2.39
CA LYS B 372 12.52 13.25 2.80
C LYS B 372 12.38 14.18 1.59
N LEU B 373 11.81 13.65 0.50
CA LEU B 373 11.66 14.40 -0.74
C LEU B 373 10.38 15.23 -0.72
N PRO B 374 10.41 16.47 -1.22
CA PRO B 374 9.20 17.33 -1.17
C PRO B 374 8.21 17.06 -2.28
N VAL B 375 7.48 15.94 -2.17
CA VAL B 375 6.40 15.62 -3.10
C VAL B 375 5.08 16.03 -2.46
N THR B 376 4.29 16.83 -3.16
CA THR B 376 2.97 17.22 -2.67
C THR B 376 1.92 16.29 -3.26
N MET B 377 1.24 15.53 -2.39
CA MET B 377 0.22 14.55 -2.86
C MET B 377 -1.18 15.12 -2.67
N VAL B 378 -1.72 15.79 -3.69
CA VAL B 378 -3.10 16.35 -3.62
C VAL B 378 -4.11 15.19 -3.69
N LEU B 379 -5.07 15.16 -2.77
CA LEU B 379 -6.08 14.06 -2.74
C LEU B 379 -7.47 14.66 -3.02
N ASP B 380 -8.06 14.31 -4.17
CA ASP B 380 -9.44 14.77 -4.51
C ASP B 380 -10.39 13.59 -4.30
N ARG B 381 -11.69 13.81 -4.47
CA ARG B 381 -12.69 12.73 -4.25
C ARG B 381 -12.44 12.14 -2.85
N ALA B 382 -11.85 12.94 -1.95
CA ALA B 382 -11.53 12.44 -0.60
C ALA B 382 -12.81 12.46 0.23
N GLY B 383 -12.87 11.60 1.25
CA GLY B 383 -14.08 11.50 2.06
C GLY B 383 -15.08 10.53 1.49
N ASN B 393 -14.84 4.99 -0.11
CA ASN B 393 -14.07 5.52 -1.27
C ASN B 393 -13.44 6.85 -0.88
N GLY B 394 -12.31 6.82 -0.18
CA GLY B 394 -11.74 8.08 0.32
C GLY B 394 -11.96 8.15 1.80
N MET B 395 -12.05 6.99 2.45
CA MET B 395 -12.40 6.99 3.88
C MET B 395 -11.28 6.40 4.73
N TRP B 396 -10.12 6.13 4.16
CA TRP B 396 -9.01 5.65 5.03
C TRP B 396 -7.73 6.41 4.73
N ASP B 397 -7.82 7.62 4.19
CA ASP B 397 -6.60 8.35 3.76
C ASP B 397 -5.85 8.88 4.97
N LEU B 398 -6.56 9.50 5.91
CA LEU B 398 -5.89 10.13 7.08
C LEU B 398 -5.32 9.03 7.98
N SER B 399 -5.73 7.81 7.74
CA SER B 399 -5.26 6.68 8.56
C SER B 399 -3.95 6.14 7.98
N MET B 400 -3.89 6.01 6.66
CA MET B 400 -2.68 5.47 5.99
C MET B 400 -1.59 6.53 5.97
N LEU B 401 -1.96 7.79 5.80
CA LEU B 401 -0.95 8.85 5.72
C LEU B 401 -0.38 9.11 7.11
N GLY B 402 -1.05 8.61 8.14
CA GLY B 402 -0.53 8.74 9.51
C GLY B 402 0.57 7.76 9.78
N ILE B 403 0.61 6.66 9.03
CA ILE B 403 1.71 5.68 9.17
C ILE B 403 2.96 6.22 8.48
N VAL B 404 2.80 7.16 7.56
CA VAL B 404 3.95 7.69 6.78
C VAL B 404 4.79 8.61 7.67
N PRO B 405 6.06 8.29 7.90
CA PRO B 405 6.90 9.05 8.82
C PRO B 405 7.27 10.41 8.25
N GLY B 406 6.91 11.48 8.95
CA GLY B 406 7.27 12.84 8.52
C GLY B 406 6.29 13.48 7.56
N ILE B 407 5.11 12.91 7.42
CA ILE B 407 4.14 13.43 6.42
C ILE B 407 3.38 14.60 7.01
N ARG B 408 3.18 15.64 6.21
N ARG B 408 3.18 15.64 6.21
CA ARG B 408 2.38 16.80 6.69
CA ARG B 408 2.39 16.80 6.68
C ARG B 408 1.08 16.77 5.89
C ARG B 408 1.08 16.77 5.89
N VAL B 409 -0.04 16.62 6.60
CA VAL B 409 -1.35 16.50 5.89
C VAL B 409 -2.28 17.65 6.28
N ALA B 410 -2.95 18.22 5.29
CA ALA B 410 -3.89 19.31 5.51
C ALA B 410 -5.26 18.94 4.95
N ALA B 411 -6.30 19.41 5.62
CA ALA B 411 -7.68 19.21 5.16
C ALA B 411 -8.36 20.58 5.10
N PRO B 412 -8.47 21.21 3.90
CA PRO B 412 -9.15 22.49 3.76
C PRO B 412 -10.62 22.50 4.18
N ARG B 413 -11.04 23.55 4.87
CA ARG B 413 -12.45 23.69 5.31
C ARG B 413 -13.24 24.43 4.24
N ASP B 414 -12.56 25.32 3.52
CA ASP B 414 -13.26 26.13 2.51
C ASP B 414 -12.28 26.44 1.37
N ALA B 415 -12.72 27.23 0.39
CA ALA B 415 -11.87 27.62 -0.77
C ALA B 415 -10.64 28.39 -0.29
N THR B 416 -10.84 29.39 0.57
CA THR B 416 -9.71 30.20 1.00
C THR B 416 -8.63 29.36 1.68
N ARG B 417 -9.03 28.32 2.41
CA ARG B 417 -8.06 27.46 3.08
C ARG B 417 -7.46 26.42 2.14
N LEU B 418 -8.09 26.14 1.00
CA LEU B 418 -7.44 25.33 -0.02
C LEU B 418 -6.29 26.09 -0.67
N ARG B 419 -6.53 27.36 -1.02
CA ARG B 419 -5.47 28.19 -1.58
C ARG B 419 -4.33 28.36 -0.57
N GLU B 420 -4.68 28.71 0.67
CA GLU B 420 -3.66 29.03 1.67
C GLU B 420 -2.83 27.81 2.06
N GLU B 421 -3.48 26.64 2.12
CA GLU B 421 -2.73 25.44 2.53
C GLU B 421 -1.98 24.80 1.36
N LEU B 422 -2.49 24.94 0.14
CA LEU B 422 -1.73 24.51 -1.03
C LEU B 422 -0.41 25.27 -1.13
N GLY B 423 -0.45 26.59 -0.93
CA GLY B 423 0.78 27.37 -0.93
C GLY B 423 1.70 27.00 0.21
N GLU B 424 1.13 26.66 1.38
CA GLU B 424 1.95 26.21 2.50
C GLU B 424 2.61 24.86 2.19
N ALA B 425 1.89 23.97 1.49
CA ALA B 425 2.47 22.68 1.14
C ALA B 425 3.53 22.82 0.06
N LEU B 426 3.40 23.84 -0.79
CA LEU B 426 4.41 24.07 -1.82
C LEU B 426 5.69 24.67 -1.25
N ASP B 427 5.63 25.28 -0.07
CA ASP B 427 6.80 25.81 0.61
C ASP B 427 7.44 24.80 1.55
N VAL B 428 6.95 23.56 1.58
CA VAL B 428 7.55 22.49 2.36
C VAL B 428 8.53 21.75 1.45
N ASP B 429 9.83 21.91 1.72
CA ASP B 429 10.87 21.39 0.84
C ASP B 429 11.70 20.28 1.48
N ASP B 430 11.37 19.84 2.70
CA ASP B 430 12.15 18.83 3.40
C ASP B 430 11.41 17.50 3.57
N GLY B 431 10.25 17.35 2.93
CA GLY B 431 9.47 16.14 3.07
C GLY B 431 8.12 16.21 2.39
N PRO B 432 7.42 15.08 2.35
CA PRO B 432 6.15 15.04 1.59
C PRO B 432 5.04 15.80 2.29
N THR B 433 4.11 16.30 1.48
CA THR B 433 2.92 16.95 1.97
C THR B 433 1.70 16.32 1.31
N ALA B 434 0.55 16.49 1.93
CA ALA B 434 -0.70 15.96 1.37
C ALA B 434 -1.84 16.92 1.68
N LEU B 435 -2.74 17.07 0.72
CA LEU B 435 -3.94 17.89 0.85
C LEU B 435 -5.12 17.05 0.41
N ARG B 436 -6.07 16.92 1.32
CA ARG B 436 -7.23 16.11 1.10
C ARG B 436 -8.46 16.96 1.06
N PHE B 437 -9.20 16.90 -0.03
CA PHE B 437 -10.45 17.61 -0.07
C PHE B 437 -11.55 16.80 -0.71
N PRO B 438 -12.86 17.13 -0.48
CA PRO B 438 -13.92 16.39 -1.16
C PRO B 438 -14.10 16.85 -2.60
N LYS B 439 -15.02 16.22 -3.32
CA LYS B 439 -15.31 16.65 -4.71
C LYS B 439 -16.75 17.18 -4.77
N GLY B 440 -16.90 18.47 -5.07
CA GLY B 440 -18.25 19.08 -5.12
C GLY B 440 -18.17 20.59 -5.05
N ASP B 441 -19.28 21.25 -4.71
CA ASP B 441 -19.32 22.73 -4.66
C ASP B 441 -18.84 23.22 -3.27
N VAL B 442 -17.63 23.75 -3.19
CA VAL B 442 -17.13 24.31 -1.94
C VAL B 442 -18.19 25.26 -1.37
N GLY B 443 -18.38 25.21 -0.06
CA GLY B 443 -19.31 26.09 0.60
C GLY B 443 -18.73 27.49 0.75
N GLU B 444 -19.52 28.36 1.39
CA GLU B 444 -19.04 29.69 1.68
C GLU B 444 -17.88 29.62 2.67
N ASP B 445 -17.08 30.69 2.68
CA ASP B 445 -15.93 30.73 3.58
C ASP B 445 -16.37 30.96 5.01
N ILE B 446 -15.66 30.34 5.94
CA ILE B 446 -15.85 30.55 7.37
C ILE B 446 -14.55 31.09 7.91
N SER B 447 -14.51 32.40 8.19
CA SER B 447 -13.32 33.00 8.76
C SER B 447 -13.28 32.78 10.27
N ALA B 448 -12.08 32.63 10.79
CA ALA B 448 -11.89 32.30 12.18
C ALA B 448 -11.84 33.55 13.04
N LEU B 449 -12.26 33.39 14.30
CA LEU B 449 -12.10 34.47 15.26
C LEU B 449 -10.62 34.76 15.53
N GLU B 450 -9.82 33.70 15.62
CA GLU B 450 -8.41 33.82 15.95
C GLU B 450 -7.72 32.53 15.53
N ARG B 451 -6.40 32.62 15.36
CA ARG B 451 -5.56 31.47 15.00
C ARG B 451 -4.56 31.26 16.12
N ARG B 452 -4.68 30.12 16.80
CA ARG B 452 -3.85 29.78 17.95
C ARG B 452 -3.02 28.55 17.63
N GLY B 453 -1.70 28.66 17.76
CA GLY B 453 -0.82 27.52 17.47
C GLY B 453 -1.00 26.94 16.09
N GLY B 454 -1.32 27.77 15.09
CA GLY B 454 -1.62 27.30 13.76
C GLY B 454 -3.04 26.77 13.57
N VAL B 455 -3.81 26.67 14.65
CA VAL B 455 -5.18 26.14 14.62
C VAL B 455 -6.15 27.31 14.49
N ASP B 456 -7.11 27.19 13.58
CA ASP B 456 -8.13 28.21 13.40
C ASP B 456 -9.29 27.95 14.37
N VAL B 457 -9.56 28.92 15.24
CA VAL B 457 -10.69 28.83 16.17
C VAL B 457 -11.90 29.43 15.47
N LEU B 458 -12.90 28.59 15.20
CA LEU B 458 -14.09 29.04 14.48
C LEU B 458 -15.21 29.53 15.39
N ALA B 459 -15.27 29.04 16.63
CA ALA B 459 -16.32 29.42 17.56
C ALA B 459 -15.82 29.26 18.99
N ALA B 460 -16.16 30.22 19.83
CA ALA B 460 -15.82 30.16 21.25
C ALA B 460 -17.09 29.95 22.08
N PRO B 461 -16.97 29.57 23.35
CA PRO B 461 -18.17 29.43 24.18
C PRO B 461 -18.82 30.79 24.41
N ALA B 462 -20.13 30.85 24.17
CA ALA B 462 -20.87 32.07 24.43
C ALA B 462 -20.73 32.46 25.90
N ASP B 463 -20.97 33.74 26.19
CA ASP B 463 -20.92 34.20 27.61
C ASP B 463 -21.85 33.32 28.44
N GLY B 464 -21.33 32.75 29.54
CA GLY B 464 -22.13 31.85 30.38
C GLY B 464 -21.86 30.40 30.01
N LEU B 465 -21.30 30.16 28.86
CA LEU B 465 -21.00 28.75 28.65
C LEU B 465 -19.56 28.62 29.15
N ASN B 466 -19.21 27.42 29.57
CA ASN B 466 -17.83 27.18 30.04
C ASN B 466 -17.10 26.40 28.97
N HIS B 467 -15.77 26.33 29.04
CA HIS B 467 -15.00 25.51 28.06
C HIS B 467 -15.24 24.03 28.39
N ASP B 468 -16.31 23.46 27.86
CA ASP B 468 -16.66 22.05 28.20
C ASP B 468 -16.26 21.09 27.07
N VAL B 469 -16.59 21.42 25.82
CA VAL B 469 -16.33 20.47 24.71
C VAL B 469 -15.45 21.11 23.62
N LEU B 470 -14.41 20.41 23.18
CA LEU B 470 -13.59 20.89 22.08
C LEU B 470 -13.97 20.13 20.87
N LEU B 471 -14.59 20.83 19.95
CA LEU B 471 -15.00 20.21 18.71
C LEU B 471 -13.90 20.42 17.68
N VAL B 472 -13.20 19.34 17.32
CA VAL B 472 -12.10 19.40 16.36
C VAL B 472 -12.69 18.99 15.01
N ALA B 473 -13.07 19.98 14.21
CA ALA B 473 -13.67 19.74 12.90
C ALA B 473 -12.57 19.55 11.86
N ILE B 474 -12.64 18.42 11.16
CA ILE B 474 -11.62 18.09 10.11
C ILE B 474 -12.32 18.18 8.74
N GLY B 475 -11.56 18.41 7.67
CA GLY B 475 -12.14 18.42 6.31
C GLY B 475 -13.25 19.43 6.18
N ALA B 476 -14.43 19.01 5.71
CA ALA B 476 -15.53 19.97 5.46
C ALA B 476 -16.63 19.85 6.51
N PHE B 477 -16.35 19.21 7.66
CA PHE B 477 -17.34 19.17 8.72
C PHE B 477 -17.38 20.43 9.55
N ALA B 478 -16.67 21.48 9.13
CA ALA B 478 -16.73 22.75 9.87
C ALA B 478 -18.14 23.34 9.88
N PRO B 479 -18.90 23.38 8.78
CA PRO B 479 -20.30 23.85 8.90
C PRO B 479 -21.12 22.99 9.85
N MET B 480 -20.89 21.68 9.85
CA MET B 480 -21.67 20.80 10.72
C MET B 480 -21.30 21.01 12.18
N ALA B 481 -20.00 21.15 12.47
CA ALA B 481 -19.56 21.36 13.85
C ALA B 481 -20.11 22.66 14.42
N LEU B 482 -20.20 23.71 13.58
CA LEU B 482 -20.78 24.97 14.05
C LEU B 482 -22.26 24.81 14.38
N ALA B 483 -22.99 24.01 13.58
CA ALA B 483 -24.37 23.74 13.90
C ALA B 483 -24.50 22.92 15.18
N VAL B 484 -23.56 22.02 15.44
CA VAL B 484 -23.58 21.24 16.67
C VAL B 484 -23.32 22.15 17.87
N ALA B 485 -22.35 23.06 17.75
CA ALA B 485 -22.10 24.00 18.84
C ALA B 485 -23.31 24.89 19.11
N LYS B 486 -24.09 25.21 18.07
CA LYS B 486 -25.29 26.02 18.25
C LYS B 486 -26.36 25.25 19.02
N ARG B 487 -26.55 23.97 18.67
CA ARG B 487 -27.50 23.13 19.40
C ARG B 487 -27.08 22.98 20.86
N LEU B 488 -25.82 22.64 21.09
CA LEU B 488 -25.35 22.47 22.47
C LEU B 488 -25.40 23.77 23.26
N HIS B 489 -25.40 24.92 22.57
CA HIS B 489 -25.60 26.19 23.26
C HIS B 489 -26.99 26.24 23.89
N ASN B 490 -27.99 25.68 23.19
CA ASN B 490 -29.35 25.65 23.72
C ASN B 490 -29.49 24.79 24.97
N GLN B 491 -28.53 23.89 25.22
CA GLN B 491 -28.55 23.01 26.38
C GLN B 491 -27.59 23.46 27.47
N GLY B 492 -26.99 24.65 27.34
CA GLY B 492 -26.08 25.15 28.35
C GLY B 492 -24.70 24.53 28.34
N ILE B 493 -24.22 24.06 27.19
CA ILE B 493 -22.91 23.44 27.06
C ILE B 493 -22.08 24.28 26.12
N GLY B 494 -20.97 24.84 26.62
CA GLY B 494 -20.11 25.68 25.82
C GLY B 494 -19.17 24.85 24.98
N VAL B 495 -19.07 25.19 23.69
CA VAL B 495 -18.29 24.42 22.73
C VAL B 495 -17.29 25.33 22.06
N THR B 496 -16.06 24.85 21.92
CA THR B 496 -15.03 25.47 21.09
C THR B 496 -14.87 24.62 19.84
N VAL B 497 -15.20 25.17 18.68
CA VAL B 497 -15.02 24.49 17.41
C VAL B 497 -13.72 24.99 16.79
N ILE B 498 -12.82 24.06 16.45
CA ILE B 498 -11.56 24.42 15.82
C ILE B 498 -11.39 23.63 14.52
N ASP B 499 -10.65 24.25 13.61
CA ASP B 499 -10.23 23.55 12.37
C ASP B 499 -8.74 23.39 12.50
N PRO B 500 -8.21 22.22 12.88
CA PRO B 500 -6.79 22.02 12.87
C PRO B 500 -6.61 22.11 11.36
N ARG B 501 -5.79 23.02 10.88
CA ARG B 501 -5.75 23.10 9.40
C ARG B 501 -4.88 21.96 8.90
N TRP B 502 -3.74 21.76 9.55
CA TRP B 502 -2.84 20.75 9.16
C TRP B 502 -3.15 19.70 10.17
N VAL B 503 -3.84 18.69 9.70
CA VAL B 503 -4.30 17.65 10.61
C VAL B 503 -3.14 16.82 11.13
N LEU B 504 -2.21 16.44 10.26
CA LEU B 504 -1.09 15.61 10.63
C LEU B 504 0.21 16.32 10.28
N PRO B 505 1.17 16.40 11.21
CA PRO B 505 1.11 15.92 12.61
C PRO B 505 0.18 16.78 13.46
N VAL B 506 -0.28 16.26 14.60
CA VAL B 506 -1.16 17.01 15.49
C VAL B 506 -0.38 18.16 16.09
N SER B 507 -0.87 19.39 15.89
CA SER B 507 -0.11 20.57 16.25
C SER B 507 -0.17 20.83 17.75
N ASP B 508 0.72 21.70 18.21
CA ASP B 508 0.71 22.12 19.61
C ASP B 508 -0.56 22.89 19.95
N GLY B 509 -1.22 23.48 18.96
CA GLY B 509 -2.40 24.28 19.23
C GLY B 509 -3.56 23.44 19.74
N VAL B 510 -3.75 22.24 19.19
CA VAL B 510 -4.84 21.40 19.69
C VAL B 510 -4.47 20.84 21.05
N ARG B 511 -3.17 20.64 21.32
CA ARG B 511 -2.74 20.22 22.65
C ARG B 511 -2.92 21.34 23.67
N GLU B 512 -2.65 22.58 23.26
CA GLU B 512 -2.84 23.71 24.16
C GLU B 512 -4.32 23.99 24.41
N LEU B 513 -5.19 23.61 23.47
CA LEU B 513 -6.63 23.82 23.63
C LEU B 513 -7.32 22.65 24.31
N ALA B 514 -6.79 21.44 24.17
CA ALA B 514 -7.42 20.26 24.76
C ALA B 514 -7.37 20.29 26.29
N VAL B 515 -6.36 20.95 26.86
CA VAL B 515 -6.21 20.95 28.31
C VAL B 515 -7.25 21.85 28.98
N GLN B 516 -7.78 22.84 28.27
CA GLN B 516 -8.76 23.77 28.82
C GLN B 516 -10.20 23.26 28.70
N HIS B 517 -10.41 22.02 28.32
CA HIS B 517 -11.74 21.48 28.12
C HIS B 517 -11.90 20.18 28.90
N LYS B 518 -13.14 19.74 29.02
CA LYS B 518 -13.46 18.49 29.69
C LYS B 518 -13.63 17.33 28.72
N LEU B 519 -14.00 17.60 27.48
CA LEU B 519 -14.26 16.56 26.50
C LEU B 519 -13.74 17.02 25.14
N LEU B 520 -13.18 16.09 24.38
CA LEU B 520 -12.72 16.36 23.03
C LEU B 520 -13.47 15.43 22.08
N VAL B 521 -14.08 16.01 21.06
CA VAL B 521 -14.78 15.24 20.04
C VAL B 521 -14.18 15.59 18.70
N THR B 522 -13.56 14.62 18.04
CA THR B 522 -13.04 14.80 16.70
C THR B 522 -14.11 14.41 15.69
N LEU B 523 -14.28 15.26 14.69
CA LEU B 523 -15.32 15.10 13.67
C LEU B 523 -14.64 15.05 12.30
N GLU B 524 -14.50 13.85 11.73
CA GLU B 524 -13.69 13.66 10.53
C GLU B 524 -14.46 12.92 9.44
N ASP B 525 -14.23 13.33 8.19
CA ASP B 525 -14.74 12.62 7.02
C ASP B 525 -13.78 11.49 6.63
N ASN B 526 -13.61 10.56 7.57
CA ASN B 526 -12.64 9.48 7.43
C ASN B 526 -13.08 8.33 8.33
N GLY B 527 -12.53 7.16 8.06
CA GLY B 527 -12.81 6.01 8.91
C GLY B 527 -12.26 6.22 10.31
N VAL B 528 -13.04 5.78 11.31
CA VAL B 528 -12.65 5.97 12.69
C VAL B 528 -11.37 5.22 13.04
N ASN B 529 -11.03 4.28 12.15
CA ASN B 529 -9.83 3.45 12.39
C ASN B 529 -8.59 4.17 11.86
N GLY B 530 -7.69 4.59 12.75
CA GLY B 530 -6.42 5.22 12.35
C GLY B 530 -6.54 6.63 11.85
N GLY B 531 -7.72 7.25 12.00
CA GLY B 531 -7.95 8.57 11.41
C GLY B 531 -7.49 9.70 12.27
N ALA B 532 -8.18 10.82 12.16
CA ALA B 532 -7.75 12.04 12.87
C ALA B 532 -8.08 11.93 14.35
N GLY B 533 -9.20 11.29 14.66
CA GLY B 533 -9.54 11.16 16.06
C GLY B 533 -8.55 10.32 16.83
N SER B 534 -8.11 9.19 16.25
CA SER B 534 -7.13 8.35 16.93
C SER B 534 -5.74 8.97 16.92
N ALA B 535 -5.45 9.83 15.93
CA ALA B 535 -4.16 10.52 15.92
C ALA B 535 -4.14 11.65 16.93
N VAL B 536 -5.28 12.31 17.16
CA VAL B 536 -5.36 13.33 18.20
C VAL B 536 -5.28 12.66 19.57
N SER B 537 -6.03 11.58 19.78
CA SER B 537 -5.97 10.83 21.03
C SER B 537 -4.55 10.37 21.32
N ALA B 538 -3.88 9.79 20.31
CA ALA B 538 -2.51 9.31 20.53
C ALA B 538 -1.54 10.44 20.84
N ALA B 539 -1.83 11.66 20.36
CA ALA B 539 -0.92 12.78 20.62
C ALA B 539 -1.07 13.31 22.04
N LEU B 540 -2.32 13.46 22.51
CA LEU B 540 -2.54 13.94 23.87
C LEU B 540 -1.99 12.95 24.89
N ARG B 541 -2.14 11.65 24.63
CA ARG B 541 -1.65 10.64 25.56
C ARG B 541 -0.13 10.56 25.58
N ARG B 542 0.56 10.99 24.53
CA ARG B 542 2.02 11.04 24.58
C ARG B 542 2.51 12.25 25.36
N ALA B 543 1.71 13.32 25.42
CA ALA B 543 2.04 14.47 26.24
C ALA B 543 1.44 14.40 27.65
N GLU B 544 1.03 13.20 28.08
CA GLU B 544 0.43 13.00 29.40
C GLU B 544 -0.82 13.85 29.59
N ILE B 545 -1.63 13.95 28.55
CA ILE B 545 -2.94 14.61 28.60
C ILE B 545 -3.99 13.52 28.51
N ASP B 546 -4.85 13.42 29.52
CA ASP B 546 -5.82 12.34 29.61
C ASP B 546 -7.26 12.82 29.44
N VAL B 547 -7.44 14.00 28.83
CA VAL B 547 -8.80 14.47 28.55
C VAL B 547 -9.53 13.43 27.71
N PRO B 548 -10.75 13.02 28.08
CA PRO B 548 -11.46 12.02 27.28
C PRO B 548 -11.69 12.50 25.87
N CYS B 549 -11.48 11.59 24.91
CA CYS B 549 -11.65 11.86 23.49
C CYS B 549 -12.68 10.91 22.89
N ARG B 550 -13.49 11.42 21.97
CA ARG B 550 -14.49 10.62 21.28
C ARG B 550 -14.38 10.89 19.78
N ASP B 551 -14.44 9.81 19.01
CA ASP B 551 -14.24 9.92 17.55
C ASP B 551 -15.56 9.73 16.80
N VAL B 552 -16.22 10.82 16.44
CA VAL B 552 -17.44 10.73 15.59
C VAL B 552 -16.96 10.80 14.14
N GLY B 553 -17.32 9.80 13.34
CA GLY B 553 -16.81 9.75 11.96
C GLY B 553 -17.40 8.60 11.16
N LEU B 554 -16.55 7.78 10.54
CA LEU B 554 -17.09 6.73 9.62
C LEU B 554 -16.72 5.33 10.09
N PRO B 555 -17.71 4.46 10.40
CA PRO B 555 -17.43 3.07 10.73
C PRO B 555 -16.46 2.44 9.75
N GLN B 556 -15.48 1.73 10.28
CA GLN B 556 -14.44 1.15 9.41
C GLN B 556 -15.03 -0.08 8.75
N GLU B 557 -15.76 0.12 7.67
CA GLU B 557 -16.33 -1.01 6.93
C GLU B 557 -16.64 -0.50 5.53
N PHE B 558 -16.66 -1.38 4.54
CA PHE B 558 -16.88 -0.86 3.18
C PHE B 558 -18.37 -0.54 3.06
N VAL B 559 -18.85 0.44 3.82
CA VAL B 559 -20.31 0.76 3.81
C VAL B 559 -20.78 0.84 2.36
N LEU B 571 -23.18 6.96 8.90
CA LEU B 571 -24.50 7.48 9.33
C LEU B 571 -24.35 8.11 10.71
N GLY B 572 -25.40 8.79 11.20
CA GLY B 572 -25.34 9.44 12.51
C GLY B 572 -24.48 10.68 12.46
N LEU B 573 -24.25 11.21 11.26
CA LEU B 573 -23.47 12.46 11.12
C LEU B 573 -24.44 13.65 10.95
N THR B 574 -25.68 13.50 11.41
CA THR B 574 -26.63 14.64 11.37
C THR B 574 -26.37 15.51 12.58
N ASP B 575 -26.35 16.83 12.41
CA ASP B 575 -26.02 17.71 13.54
C ASP B 575 -26.72 17.20 14.79
N GLN B 576 -27.99 16.87 14.69
CA GLN B 576 -28.77 16.50 15.89
C GLN B 576 -28.23 15.22 16.55
N ASP B 577 -27.97 14.19 15.77
CA ASP B 577 -27.42 12.92 16.33
C ASP B 577 -26.10 13.23 17.01
N VAL B 578 -25.26 14.03 16.35
CA VAL B 578 -23.92 14.27 16.98
C VAL B 578 -24.13 15.00 18.31
N ALA B 579 -25.03 15.97 18.31
CA ALA B 579 -25.30 16.77 19.53
C ALA B 579 -25.80 15.87 20.65
N ARG B 580 -26.65 14.91 20.30
CA ARG B 580 -27.25 14.00 21.31
C ARG B 580 -26.13 13.19 21.95
N ARG B 581 -25.27 12.61 21.12
CA ARG B 581 -24.20 11.73 21.64
C ARG B 581 -23.27 12.55 22.53
N ILE B 582 -23.01 13.80 22.14
CA ILE B 582 -22.08 14.67 22.90
C ILE B 582 -22.72 14.99 24.24
N THR B 583 -24.00 15.36 24.25
CA THR B 583 -24.65 15.69 25.51
C THR B 583 -24.51 14.48 26.39
N GLY B 584 -24.72 13.33 25.79
CA GLY B 584 -24.56 12.08 26.54
C GLY B 584 -23.19 11.98 27.16
N TRP B 585 -22.15 12.17 26.35
CA TRP B 585 -20.79 12.00 26.88
C TRP B 585 -20.54 13.00 27.98
N VAL B 586 -21.00 14.23 27.81
CA VAL B 586 -20.72 15.31 28.81
C VAL B 586 -21.40 14.97 30.14
N ALA B 587 -22.58 14.35 30.08
CA ALA B 587 -23.29 13.93 31.31
C ALA B 587 -22.66 12.66 31.88
N ALA B 588 -21.76 12.02 31.12
CA ALA B 588 -21.15 10.75 31.57
C ALA B 588 -19.62 10.85 31.49
N LEU B 589 -19.07 12.05 31.62
CA LEU B 589 -17.60 12.25 31.52
C LEU B 589 -16.89 11.57 32.69
N GLY B 590 -15.79 10.85 32.43
CA GLY B 590 -15.01 10.22 33.52
C GLY B 590 -15.50 8.82 33.83
N THR B 591 -14.90 7.81 33.21
CA THR B 591 -15.27 6.40 33.50
C THR B 591 -14.00 5.60 33.75
N GLY B 592 -13.84 5.08 34.97
CA GLY B 592 -12.62 4.33 35.32
C GLY B 592 -12.85 3.39 36.49
N VAL B 593 -11.86 2.55 36.81
CA VAL B 593 -11.99 1.60 37.96
C VAL B 593 -12.65 2.32 39.14
#